data_9C6P
#
_entry.id   9C6P
#
_cell.length_a   118.470
_cell.length_b   77.200
_cell.length_c   97.640
_cell.angle_alpha   90.000
_cell.angle_beta   116.160
_cell.angle_gamma   90.000
#
_symmetry.space_group_name_H-M   'C 1 2 1'
#
loop_
_entity.id
_entity.type
_entity.pdbx_description
1 polymer 'AmpC Beta-lactamase'
2 non-polymer 3-chloro-N-(5-chloro-2-methyl-1,3-benzothiazol-6-yl)-2-hydroxybenzene-1-sulfonamide
3 water water
#
_entity_poly.entity_id   1
_entity_poly.type   'polypeptide(L)'
_entity_poly.pdbx_seq_one_letter_code
;MFKTTLCALLITASCSTFAAPQQINDIVHRTITPLIEQQKIPGMAVAVIYQGKPYYFTWGYADIAKKQPVTQQTLFELGS
VSKTFTGVLGGDAIARGEIKLSDPTTKYWPELTAKQWNGITLLHLATYTAGGLPLQVPDEVKSSSDLLRFYQNWQPAWAP
GTQRLYANSSIGLFGALAVKPSGLSFEQAMQTRVFQPLKLNHTWINVPPAEEKNYAWGYREGKAVHVSPGALDAEAYGVK
STIEDMARWVQSNLKPLDINEKTLQQGIQLAQSRYWQTGDMYQGLGWEMLDWPVNPDSIINGSDNKIALAARPVKAITPP
TPAVRASWVHKTGATGGFGSYVAFIPEKELGIVMLANKNYPNPARVDAAWQILNALQ
;
_entity_poly.pdbx_strand_id   A,B
#
loop_
_chem_comp.id
_chem_comp.type
_chem_comp.name
_chem_comp.formula
A1AUT non-polymer 3-chloro-N-(5-chloro-2-methyl-1,3-benzothiazol-6-yl)-2-hydroxybenzene-1-sulfonamide 'C14 H10 Cl2 N2 O3 S2'
#
# COMPACT_ATOMS: atom_id res chain seq x y z
N ALA A 20 -27.88 14.38 19.93
CA ALA A 20 -27.08 15.55 19.61
C ALA A 20 -26.51 16.20 20.87
N PRO A 21 -25.31 15.75 21.28
CA PRO A 21 -24.64 16.34 22.44
C PRO A 21 -24.64 17.85 22.37
N GLN A 22 -24.90 18.49 23.52
CA GLN A 22 -25.02 19.95 23.51
C GLN A 22 -23.74 20.61 23.05
N GLN A 23 -22.57 20.01 23.33
CA GLN A 23 -21.31 20.60 22.91
C GLN A 23 -21.21 20.69 21.39
N ILE A 24 -21.59 19.60 20.70
CA ILE A 24 -21.58 19.62 19.25
C ILE A 24 -22.57 20.64 18.73
N ASN A 25 -23.80 20.63 19.28
CA ASN A 25 -24.81 21.60 18.86
C ASN A 25 -24.28 23.03 18.99
N ASP A 26 -23.72 23.37 20.15
CA ASP A 26 -23.28 24.74 20.40
C ASP A 26 -22.16 25.15 19.48
N ILE A 27 -21.09 24.34 19.38
CA ILE A 27 -19.97 24.77 18.53
C ILE A 27 -20.41 24.91 17.07
N VAL A 28 -21.24 23.97 16.60
CA VAL A 28 -21.68 24.04 15.20
C VAL A 28 -22.52 25.29 14.97
N HIS A 29 -23.52 25.52 15.82
CA HIS A 29 -24.42 26.65 15.54
C HIS A 29 -23.70 27.99 15.72
N ARG A 30 -22.84 28.11 16.74
CA ARG A 30 -22.10 29.35 16.96
C ARG A 30 -21.07 29.64 15.87
N THR A 31 -20.59 28.60 15.16
CA THR A 31 -19.67 28.83 14.05
C THR A 31 -20.41 29.09 12.75
N ILE A 32 -21.47 28.32 12.47
CA ILE A 32 -22.08 28.33 11.15
C ILE A 32 -23.06 29.48 10.99
N THR A 33 -23.84 29.84 12.03
CA THR A 33 -24.80 30.92 11.87
C THR A 33 -24.15 32.22 11.43
N PRO A 34 -23.08 32.71 12.06
CA PRO A 34 -22.42 33.92 11.55
C PRO A 34 -21.79 33.73 10.18
N LEU A 35 -21.28 32.52 9.87
CA LEU A 35 -20.73 32.26 8.54
C LEU A 35 -21.78 32.47 7.46
N ILE A 36 -22.97 31.89 7.67
CA ILE A 36 -24.08 32.07 6.74
C ILE A 36 -24.46 33.53 6.61
N GLU A 37 -24.45 34.28 7.73
CA GLU A 37 -24.79 35.70 7.67
C GLU A 37 -23.73 36.51 6.92
N GLN A 38 -22.44 36.26 7.19
CA GLN A 38 -21.38 37.06 6.57
C GLN A 38 -21.21 36.74 5.10
N GLN A 39 -21.44 35.49 4.70
CA GLN A 39 -21.23 35.08 3.32
C GLN A 39 -22.52 35.14 2.50
N LYS A 40 -23.64 35.44 3.14
CA LYS A 40 -24.96 35.51 2.51
C LYS A 40 -25.29 34.21 1.78
N ILE A 41 -25.05 33.10 2.48
CA ILE A 41 -25.29 31.75 1.96
C ILE A 41 -26.79 31.44 2.02
N PRO A 42 -27.44 31.08 0.91
CA PRO A 42 -28.90 30.83 0.95
C PRO A 42 -29.27 29.60 1.75
N GLY A 43 -28.51 28.52 1.62
CA GLY A 43 -28.84 27.28 2.29
C GLY A 43 -27.58 26.51 2.58
N MET A 44 -27.61 25.71 3.65
CA MET A 44 -26.40 25.00 4.01
C MET A 44 -26.77 23.74 4.79
N ALA A 45 -25.98 22.68 4.61
CA ALA A 45 -26.10 21.49 5.44
C ALA A 45 -24.73 21.15 6.00
N VAL A 46 -24.69 20.69 7.25
CA VAL A 46 -23.43 20.31 7.88
C VAL A 46 -23.61 18.95 8.57
N ALA A 47 -22.57 18.12 8.50
CA ALA A 47 -22.52 16.87 9.22
C ALA A 47 -21.23 16.83 10.02
N VAL A 48 -21.34 16.48 11.30
CA VAL A 48 -20.18 16.26 12.15
C VAL A 48 -20.15 14.79 12.51
N ILE A 49 -19.02 14.15 12.27
CA ILE A 49 -18.78 12.78 12.68
C ILE A 49 -17.94 12.83 13.94
N TYR A 50 -18.50 12.36 15.04
CA TYR A 50 -17.86 12.44 16.34
C TYR A 50 -17.84 11.03 16.93
N GLN A 51 -16.64 10.56 17.27
CA GLN A 51 -16.42 9.18 17.70
C GLN A 51 -17.16 8.19 16.81
N GLY A 52 -17.18 8.43 15.50
CA GLY A 52 -17.79 7.49 14.57
C GLY A 52 -19.28 7.64 14.32
N LYS A 53 -19.98 8.55 15.03
CA LYS A 53 -21.41 8.73 14.80
C LYS A 53 -21.70 10.08 14.13
N PRO A 54 -22.71 10.14 13.24
CA PRO A 54 -23.00 11.40 12.53
C PRO A 54 -24.09 12.23 13.18
N TYR A 55 -23.92 13.55 13.16
CA TYR A 55 -24.92 14.50 13.60
C TYR A 55 -25.13 15.55 12.51
N TYR A 56 -26.39 15.87 12.25
CA TYR A 56 -26.75 16.69 11.10
C TYR A 56 -27.37 18.01 11.48
N PHE A 57 -27.14 19.02 10.64
CA PHE A 57 -27.62 20.37 10.85
C PHE A 57 -27.98 20.97 9.50
N THR A 58 -29.10 21.70 9.43
CA THR A 58 -29.46 22.35 8.18
C THR A 58 -30.00 23.75 8.42
N TRP A 59 -29.77 24.63 7.43
CA TRP A 59 -30.21 26.01 7.47
C TRP A 59 -30.71 26.46 6.11
N GLY A 60 -31.73 27.33 6.12
CA GLY A 60 -31.99 28.09 4.90
C GLY A 60 -32.66 27.31 3.77
N TYR A 61 -32.38 27.77 2.54
CA TYR A 61 -33.19 27.43 1.38
C TYR A 61 -32.40 26.66 0.32
N ALA A 62 -32.97 25.55 -0.12
CA ALA A 62 -32.49 24.84 -1.30
C ALA A 62 -32.96 25.53 -2.56
N ASP A 63 -34.12 26.20 -2.50
CA ASP A 63 -34.74 26.87 -3.65
C ASP A 63 -35.43 28.10 -3.09
N ILE A 64 -34.84 29.27 -3.32
CA ILE A 64 -35.35 30.52 -2.75
C ILE A 64 -36.72 30.85 -3.34
N ALA A 65 -36.85 30.76 -4.66
CA ALA A 65 -38.10 31.15 -5.32
C ALA A 65 -39.27 30.26 -4.90
N LYS A 66 -39.04 28.97 -4.74
CA LYS A 66 -40.09 28.02 -4.37
C LYS A 66 -40.16 27.78 -2.86
N LYS A 67 -39.32 28.45 -2.08
CA LYS A 67 -39.36 28.42 -0.62
C LYS A 67 -39.15 27.00 -0.09
N GLN A 68 -38.29 26.21 -0.80
CA GLN A 68 -37.97 24.85 -0.38
C GLN A 68 -36.79 24.88 0.58
N PRO A 69 -36.94 24.31 1.77
CA PRO A 69 -35.85 24.35 2.76
C PRO A 69 -34.78 23.33 2.44
N VAL A 70 -33.59 23.57 2.98
CA VAL A 70 -32.57 22.54 3.03
C VAL A 70 -32.98 21.47 4.04
N THR A 71 -32.93 20.22 3.62
CA THR A 71 -33.18 19.07 4.48
C THR A 71 -31.99 18.12 4.43
N GLN A 72 -32.07 17.04 5.23
CA GLN A 72 -31.02 16.03 5.17
C GLN A 72 -31.04 15.25 3.87
N GLN A 73 -32.06 15.47 3.04
CA GLN A 73 -32.21 14.80 1.75
C GLN A 73 -31.92 15.72 0.57
N THR A 74 -31.53 16.97 0.82
CA THR A 74 -31.24 17.92 -0.25
C THR A 74 -29.94 17.52 -0.95
N LEU A 75 -29.96 17.53 -2.28
CA LEU A 75 -28.78 17.27 -3.10
C LEU A 75 -28.03 18.55 -3.36
N PHE A 76 -26.71 18.52 -3.16
CA PHE A 76 -25.81 19.63 -3.44
C PHE A 76 -24.78 19.20 -4.48
N GLU A 77 -24.38 20.14 -5.35
CA GLU A 77 -23.26 19.86 -6.24
C GLU A 77 -21.95 19.87 -5.44
N LEU A 78 -21.19 18.78 -5.55
CA LEU A 78 -19.95 18.68 -4.78
C LEU A 78 -18.78 19.40 -5.45
N GLY A 79 -18.87 19.68 -6.74
CA GLY A 79 -17.71 20.20 -7.45
C GLY A 79 -16.51 19.27 -7.29
N SER A 80 -15.36 19.86 -6.98
CA SER A 80 -14.12 19.09 -6.92
C SER A 80 -14.05 18.09 -5.77
N VAL A 81 -14.96 18.14 -4.78
CA VAL A 81 -15.00 17.01 -3.85
C VAL A 81 -15.28 15.70 -4.60
N SER A 82 -15.86 15.80 -5.81
CA SER A 82 -16.02 14.61 -6.67
C SER A 82 -14.69 13.92 -6.93
N LYS A 83 -13.59 14.67 -6.97
CA LYS A 83 -12.30 14.05 -7.24
C LYS A 83 -11.94 13.02 -6.18
N THR A 84 -12.47 13.15 -4.95
CA THR A 84 -12.17 12.09 -3.98
C THR A 84 -12.80 10.78 -4.40
N PHE A 85 -14.02 10.83 -4.95
CA PHE A 85 -14.62 9.61 -5.47
C PHE A 85 -13.79 9.04 -6.62
N THR A 86 -13.31 9.91 -7.53
CA THR A 86 -12.52 9.44 -8.65
C THR A 86 -11.24 8.80 -8.14
N GLY A 87 -10.64 9.41 -7.11
CA GLY A 87 -9.39 8.88 -6.62
C GLY A 87 -9.61 7.50 -6.06
N VAL A 88 -10.70 7.34 -5.30
CA VAL A 88 -10.96 6.04 -4.68
C VAL A 88 -11.31 5.02 -5.74
N LEU A 89 -12.06 5.43 -6.77
CA LEU A 89 -12.38 4.45 -7.82
C LEU A 89 -11.11 4.00 -8.49
N GLY A 90 -10.19 4.94 -8.73
CA GLY A 90 -8.92 4.56 -9.32
C GLY A 90 -8.18 3.61 -8.41
N GLY A 91 -8.19 3.90 -7.10
CA GLY A 91 -7.55 3.01 -6.15
C GLY A 91 -8.13 1.61 -6.25
N ASP A 92 -9.44 1.51 -6.43
CA ASP A 92 -10.07 0.21 -6.47
C ASP A 92 -9.63 -0.55 -7.72
N ALA A 93 -9.50 0.18 -8.84
CA ALA A 93 -9.04 -0.47 -10.05
C ALA A 93 -7.59 -0.93 -9.92
N ILE A 94 -6.77 -0.20 -9.16
CA ILE A 94 -5.42 -0.66 -8.88
C ILE A 94 -5.47 -1.94 -8.06
N ALA A 95 -6.31 -1.95 -7.04
CA ALA A 95 -6.35 -3.10 -6.14
C ALA A 95 -6.88 -4.33 -6.86
N ARG A 96 -7.74 -4.13 -7.86
CA ARG A 96 -8.23 -5.23 -8.68
C ARG A 96 -7.19 -5.75 -9.66
N GLY A 97 -6.04 -5.09 -9.79
CA GLY A 97 -5.06 -5.45 -10.80
C GLY A 97 -5.39 -5.03 -12.21
N GLU A 98 -6.36 -4.12 -12.39
CA GLU A 98 -6.75 -3.68 -13.74
C GLU A 98 -5.81 -2.62 -14.29
N ILE A 99 -5.28 -1.75 -13.43
CA ILE A 99 -4.33 -0.72 -13.83
C ILE A 99 -3.21 -0.66 -12.79
N LYS A 100 -2.12 0.00 -13.15
CA LYS A 100 -1.09 0.37 -12.19
C LYS A 100 -0.74 1.84 -12.38
N LEU A 101 -0.46 2.54 -11.28
CA LEU A 101 -0.11 3.94 -11.38
C LEU A 101 1.22 4.14 -12.09
N SER A 102 2.06 3.11 -12.14
CA SER A 102 3.32 3.22 -12.88
C SER A 102 3.13 2.99 -14.38
N ASP A 103 1.92 2.67 -14.83
CA ASP A 103 1.70 2.44 -16.25
C ASP A 103 1.80 3.75 -17.04
N PRO A 104 2.40 3.73 -18.23
CA PRO A 104 2.30 4.89 -19.13
C PRO A 104 0.86 5.17 -19.52
N THR A 105 0.56 6.45 -19.74
CA THR A 105 -0.77 6.85 -20.18
C THR A 105 -1.15 6.18 -21.49
N THR A 106 -0.17 5.99 -22.38
CA THR A 106 -0.43 5.39 -23.67
C THR A 106 -0.82 3.91 -23.60
N LYS A 107 -0.56 3.23 -22.48
CA LYS A 107 -0.97 1.83 -22.37
C LYS A 107 -2.49 1.69 -22.46
N TYR A 108 -3.24 2.68 -21.95
CA TYR A 108 -4.69 2.65 -21.99
C TYR A 108 -5.27 3.57 -23.05
N TRP A 109 -4.44 4.40 -23.69
CA TRP A 109 -4.86 5.26 -24.80
C TRP A 109 -3.78 5.23 -25.87
N PRO A 110 -3.70 4.14 -26.63
CA PRO A 110 -2.63 4.01 -27.65
C PRO A 110 -2.72 5.02 -28.77
N GLU A 111 -3.89 5.61 -28.99
CA GLU A 111 -4.04 6.67 -29.99
C GLU A 111 -3.31 7.95 -29.60
N LEU A 112 -2.86 8.06 -28.35
CA LEU A 112 -2.13 9.23 -27.88
C LEU A 112 -0.65 9.07 -28.25
N THR A 113 -0.34 9.40 -29.51
CA THR A 113 0.98 9.11 -30.08
C THR A 113 1.97 10.27 -30.01
N ALA A 114 1.54 11.47 -29.63
CA ALA A 114 2.44 12.61 -29.60
C ALA A 114 3.56 12.41 -28.58
N LYS A 115 4.77 12.84 -28.95
CA LYS A 115 5.97 12.42 -28.23
C LYS A 115 6.06 13.02 -26.82
N GLN A 116 5.32 14.09 -26.53
CA GLN A 116 5.42 14.65 -25.19
C GLN A 116 4.83 13.73 -24.13
N TRP A 117 4.05 12.72 -24.54
CA TRP A 117 3.43 11.81 -23.59
C TRP A 117 4.37 10.70 -23.13
N ASN A 118 5.55 10.58 -23.72
CA ASN A 118 6.51 9.59 -23.27
C ASN A 118 6.97 9.95 -21.87
N GLY A 119 6.78 9.02 -20.93
CA GLY A 119 7.15 9.25 -19.55
C GLY A 119 6.05 9.78 -18.67
N ILE A 120 4.88 10.10 -19.22
CA ILE A 120 3.76 10.56 -18.41
C ILE A 120 2.92 9.34 -18.00
N THR A 121 2.83 9.07 -16.70
CA THR A 121 2.15 7.89 -16.19
C THR A 121 0.78 8.23 -15.61
N LEU A 122 0.02 7.17 -15.29
CA LEU A 122 -1.27 7.40 -14.64
C LEU A 122 -1.09 8.12 -13.32
N LEU A 123 0.00 7.88 -12.60
CA LEU A 123 0.24 8.59 -11.36
C LEU A 123 0.34 10.10 -11.60
N HIS A 124 1.03 10.50 -12.68
CA HIS A 124 1.15 11.93 -12.95
C HIS A 124 -0.20 12.55 -13.24
N LEU A 125 -1.05 11.83 -13.97
CA LEU A 125 -2.40 12.35 -14.24
C LEU A 125 -3.20 12.48 -12.95
N ALA A 126 -3.15 11.47 -12.10
CA ALA A 126 -3.96 11.46 -10.89
C ALA A 126 -3.56 12.55 -9.90
N THR A 127 -2.31 13.03 -9.97
CA THR A 127 -1.79 13.93 -8.93
C THR A 127 -1.41 15.29 -9.48
N TYR A 128 -1.80 15.62 -10.71
CA TYR A 128 -1.61 16.95 -11.28
C TYR A 128 -0.14 17.26 -11.56
N THR A 129 0.69 16.21 -11.75
CA THR A 129 2.12 16.39 -11.97
C THR A 129 2.58 16.00 -13.37
N ALA A 130 1.68 15.96 -14.36
CA ALA A 130 2.06 15.56 -15.73
C ALA A 130 2.92 16.61 -16.45
N GLY A 131 2.93 17.85 -15.96
CA GLY A 131 3.77 18.87 -16.54
C GLY A 131 2.99 20.08 -17.04
N GLY A 132 1.87 20.38 -16.40
CA GLY A 132 1.16 21.60 -16.72
C GLY A 132 -0.11 21.41 -17.53
N LEU A 133 -0.77 20.28 -17.38
CA LEU A 133 -2.10 20.15 -17.97
C LEU A 133 -3.00 21.24 -17.38
N PRO A 134 -3.89 21.82 -18.19
CA PRO A 134 -4.60 23.04 -17.75
C PRO A 134 -5.75 22.75 -16.81
N LEU A 135 -6.13 23.79 -16.06
CA LEU A 135 -7.18 23.64 -15.05
C LEU A 135 -8.49 23.18 -15.68
N GLN A 136 -8.85 23.72 -16.84
CA GLN A 136 -10.13 23.49 -17.47
C GLN A 136 -9.94 22.83 -18.83
N VAL A 137 -10.80 21.85 -19.12
CA VAL A 137 -10.95 21.42 -20.52
C VAL A 137 -11.70 22.52 -21.26
N PRO A 138 -11.25 22.93 -22.45
CA PRO A 138 -11.96 23.99 -23.15
C PRO A 138 -13.39 23.60 -23.48
N ASP A 139 -14.28 24.60 -23.51
CA ASP A 139 -15.69 24.34 -23.80
C ASP A 139 -15.90 23.75 -25.19
N GLU A 140 -15.02 24.06 -26.14
CA GLU A 140 -15.15 23.54 -27.51
C GLU A 140 -14.88 22.04 -27.59
N VAL A 141 -14.34 21.44 -26.54
CA VAL A 141 -13.98 20.03 -26.56
C VAL A 141 -15.16 19.23 -26.01
N LYS A 142 -15.84 18.49 -26.90
CA LYS A 142 -16.98 17.69 -26.48
C LYS A 142 -16.79 16.20 -26.75
N SER A 143 -16.41 15.81 -27.97
CA SER A 143 -16.44 14.40 -28.38
C SER A 143 -15.17 13.66 -27.94
N SER A 144 -15.18 12.34 -28.13
CA SER A 144 -13.97 11.57 -27.87
C SER A 144 -12.85 11.96 -28.83
N SER A 145 -13.18 12.31 -30.07
CA SER A 145 -12.14 12.72 -31.01
C SER A 145 -11.62 14.13 -30.69
N ASP A 146 -12.53 15.03 -30.27
CA ASP A 146 -12.14 16.33 -29.71
C ASP A 146 -11.15 16.17 -28.56
N LEU A 147 -11.44 15.23 -27.66
CA LEU A 147 -10.58 15.05 -26.49
C LEU A 147 -9.20 14.55 -26.90
N LEU A 148 -9.18 13.53 -27.78
CA LEU A 148 -7.91 13.05 -28.32
C LEU A 148 -7.11 14.22 -28.89
N ARG A 149 -7.76 15.08 -29.67
CA ARG A 149 -7.04 16.16 -30.34
C ARG A 149 -6.47 17.16 -29.33
N PHE A 150 -7.28 17.48 -28.30
CA PHE A 150 -6.83 18.38 -27.24
C PHE A 150 -5.59 17.85 -26.53
N TYR A 151 -5.59 16.57 -26.17
CA TYR A 151 -4.43 16.03 -25.45
C TYR A 151 -3.23 15.83 -26.37
N GLN A 152 -3.47 15.54 -27.66
CA GLN A 152 -2.35 15.43 -28.61
C GLN A 152 -1.68 16.78 -28.80
N ASN A 153 -2.44 17.86 -28.83
CA ASN A 153 -1.85 19.17 -29.10
C ASN A 153 -1.24 19.83 -27.87
N TRP A 154 -1.60 19.38 -26.67
CA TRP A 154 -1.12 20.03 -25.45
C TRP A 154 0.41 19.97 -25.35
N GLN A 155 1.02 21.12 -25.06
CA GLN A 155 2.46 21.24 -24.89
C GLN A 155 2.84 21.42 -23.43
N PRO A 156 3.49 20.43 -22.80
CA PRO A 156 3.89 20.59 -21.40
C PRO A 156 4.90 21.71 -21.22
N ALA A 157 4.75 22.44 -20.12
CA ALA A 157 5.75 23.42 -19.76
C ALA A 157 6.92 22.79 -19.00
N TRP A 158 6.68 21.65 -18.36
CA TRP A 158 7.66 21.06 -17.45
C TRP A 158 7.77 19.56 -17.70
N ALA A 159 8.90 19.01 -17.27
CA ALA A 159 9.04 17.56 -17.29
C ALA A 159 8.06 16.92 -16.32
N PRO A 160 7.66 15.66 -16.58
CA PRO A 160 6.71 15.00 -15.68
C PRO A 160 7.32 14.84 -14.30
N GLY A 161 6.46 14.96 -13.30
CA GLY A 161 6.85 14.75 -11.92
C GLY A 161 7.75 15.81 -11.33
N THR A 162 7.67 17.05 -11.80
CA THR A 162 8.46 18.12 -11.23
C THR A 162 7.62 19.27 -10.66
N GLN A 163 6.43 19.51 -11.17
CA GLN A 163 5.61 20.58 -10.61
C GLN A 163 4.15 20.16 -10.56
N ARG A 164 3.45 20.64 -9.54
CA ARG A 164 2.02 20.39 -9.39
C ARG A 164 1.23 21.59 -9.87
N LEU A 165 0.28 21.35 -10.76
CA LEU A 165 -0.68 22.38 -11.19
C LEU A 165 -2.07 21.74 -11.16
N TYR A 166 -2.90 22.17 -10.21
CA TYR A 166 -4.24 21.60 -10.03
C TYR A 166 -5.05 21.72 -11.31
N ALA A 167 -5.65 20.61 -11.76
CA ALA A 167 -6.22 20.59 -13.11
C ALA A 167 -7.32 19.55 -13.27
N ASN A 168 -8.50 20.01 -13.75
CA ASN A 168 -9.54 19.05 -14.11
C ASN A 168 -9.12 18.14 -15.27
N SER A 169 -8.32 18.66 -16.19
CA SER A 169 -7.95 17.88 -17.36
C SER A 169 -6.94 16.78 -17.04
N SER A 170 -6.36 16.81 -15.84
CA SER A 170 -5.38 15.82 -15.39
C SER A 170 -6.11 14.67 -14.71
N ILE A 171 -6.74 14.96 -13.55
CA ILE A 171 -7.39 13.86 -12.85
C ILE A 171 -8.63 13.38 -13.61
N GLY A 172 -9.26 14.24 -14.42
CA GLY A 172 -10.38 13.76 -15.23
C GLY A 172 -9.96 12.69 -16.23
N LEU A 173 -8.82 12.90 -16.89
CA LEU A 173 -8.30 11.89 -17.81
C LEU A 173 -7.91 10.63 -17.06
N PHE A 174 -7.32 10.79 -15.86
CA PHE A 174 -7.02 9.62 -15.04
C PHE A 174 -8.27 8.79 -14.80
N GLY A 175 -9.38 9.47 -14.47
CA GLY A 175 -10.61 8.74 -14.18
C GLY A 175 -11.15 8.01 -15.39
N ALA A 176 -11.10 8.66 -16.55
CA ALA A 176 -11.57 8.02 -17.78
C ALA A 176 -10.73 6.81 -18.13
N LEU A 177 -9.40 6.91 -17.95
CA LEU A 177 -8.55 5.79 -18.35
C LEU A 177 -8.59 4.66 -17.35
N ALA A 178 -8.72 4.98 -16.06
CA ALA A 178 -8.67 3.98 -15.02
C ALA A 178 -9.81 2.97 -15.16
N VAL A 179 -10.95 3.37 -15.73
CA VAL A 179 -12.07 2.43 -15.86
C VAL A 179 -12.06 1.67 -17.19
N LYS A 180 -11.13 1.93 -18.08
CA LYS A 180 -11.25 1.25 -19.37
C LYS A 180 -11.10 -0.27 -19.28
N PRO A 181 -10.15 -0.83 -18.52
CA PRO A 181 -10.06 -2.31 -18.47
C PRO A 181 -11.29 -2.98 -17.88
N SER A 182 -12.10 -2.28 -17.08
CA SER A 182 -13.29 -2.87 -16.50
C SER A 182 -14.39 -3.12 -17.52
N GLY A 183 -14.34 -2.46 -18.67
CA GLY A 183 -15.40 -2.53 -19.63
C GLY A 183 -16.61 -1.69 -19.30
N LEU A 184 -16.66 -1.08 -18.11
CA LEU A 184 -17.81 -0.28 -17.68
C LEU A 184 -17.63 1.18 -18.07
N SER A 185 -18.76 1.86 -18.28
CA SER A 185 -18.72 3.31 -18.35
C SER A 185 -18.26 3.86 -16.99
N PHE A 186 -17.73 5.08 -16.99
CA PHE A 186 -17.26 5.68 -15.74
C PHE A 186 -18.39 5.72 -14.71
N GLU A 187 -19.58 6.17 -15.13
CA GLU A 187 -20.71 6.23 -14.20
C GLU A 187 -21.10 4.86 -13.68
N GLN A 188 -21.12 3.84 -14.55
CA GLN A 188 -21.51 2.51 -14.10
C GLN A 188 -20.46 1.90 -13.19
N ALA A 189 -19.19 2.17 -13.45
CA ALA A 189 -18.14 1.70 -12.56
C ALA A 189 -18.28 2.37 -11.19
N MET A 190 -18.51 3.68 -11.17
CA MET A 190 -18.67 4.38 -9.90
C MET A 190 -19.87 3.87 -9.11
N GLN A 191 -21.00 3.61 -9.79
CA GLN A 191 -22.18 3.07 -9.10
C GLN A 191 -21.91 1.68 -8.55
N THR A 192 -21.41 0.78 -9.39
CA THR A 192 -21.27 -0.62 -9.00
C THR A 192 -20.16 -0.82 -7.99
N ARG A 193 -19.08 -0.05 -8.09
CA ARG A 193 -17.89 -0.34 -7.31
C ARG A 193 -17.69 0.59 -6.13
N VAL A 194 -18.37 1.75 -6.08
CA VAL A 194 -18.19 2.64 -4.93
C VAL A 194 -19.51 2.99 -4.25
N PHE A 195 -20.44 3.59 -5.01
CA PHE A 195 -21.69 4.06 -4.39
C PHE A 195 -22.47 2.90 -3.77
N GLN A 196 -22.71 1.83 -4.56
CA GLN A 196 -23.56 0.75 -4.07
C GLN A 196 -22.95 0.01 -2.89
N PRO A 197 -21.67 -0.41 -2.92
CA PRO A 197 -21.13 -1.10 -1.74
C PRO A 197 -21.16 -0.27 -0.46
N LEU A 198 -21.05 1.06 -0.58
CA LEU A 198 -21.05 1.94 0.58
C LEU A 198 -22.44 2.44 0.96
N LYS A 199 -23.48 2.00 0.24
CA LYS A 199 -24.87 2.39 0.53
C LYS A 199 -25.07 3.89 0.37
N LEU A 200 -24.41 4.46 -0.64
CA LEU A 200 -24.58 5.87 -1.01
C LEU A 200 -25.69 5.89 -2.06
N ASN A 201 -26.91 5.74 -1.59
CA ASN A 201 -28.04 5.52 -2.45
C ASN A 201 -28.70 6.81 -2.92
N HIS A 202 -28.20 7.98 -2.47
CA HIS A 202 -28.70 9.27 -2.92
C HIS A 202 -27.53 10.15 -3.36
N THR A 203 -26.61 9.52 -4.10
CA THR A 203 -25.42 10.16 -4.66
C THR A 203 -25.39 9.83 -6.16
N TRP A 204 -25.26 10.87 -6.99
CA TRP A 204 -25.54 10.77 -8.41
C TRP A 204 -24.49 11.49 -9.25
N ILE A 205 -24.13 10.91 -10.39
CA ILE A 205 -23.43 11.69 -11.41
C ILE A 205 -24.45 12.41 -12.30
N ASN A 206 -25.59 11.77 -12.54
CA ASN A 206 -26.73 12.36 -13.23
C ASN A 206 -27.94 12.26 -12.31
N VAL A 207 -28.53 13.40 -11.98
CA VAL A 207 -29.67 13.40 -11.06
C VAL A 207 -30.90 12.85 -11.79
N PRO A 208 -31.51 11.77 -11.29
CA PRO A 208 -32.70 11.23 -11.97
C PRO A 208 -33.89 12.15 -11.79
N PRO A 209 -34.87 12.11 -12.69
CA PRO A 209 -36.09 12.92 -12.50
C PRO A 209 -36.77 12.72 -11.15
N ALA A 210 -36.83 11.48 -10.65
CA ALA A 210 -37.45 11.21 -9.36
C ALA A 210 -36.80 11.99 -8.22
N GLU A 211 -35.56 12.42 -8.38
CA GLU A 211 -34.87 13.09 -7.30
C GLU A 211 -34.78 14.60 -7.52
N GLU A 212 -35.37 15.10 -8.61
CA GLU A 212 -35.24 16.54 -8.89
C GLU A 212 -35.85 17.39 -7.79
N LYS A 213 -36.90 16.92 -7.11
CA LYS A 213 -37.51 17.69 -6.03
C LYS A 213 -36.50 18.00 -4.92
N ASN A 214 -35.43 17.23 -4.80
CA ASN A 214 -34.44 17.41 -3.75
C ASN A 214 -33.17 18.14 -4.20
N TYR A 215 -33.05 18.44 -5.49
CA TYR A 215 -31.84 19.03 -6.05
C TYR A 215 -31.86 20.53 -5.79
N ALA A 216 -30.98 20.99 -4.90
CA ALA A 216 -30.92 22.42 -4.62
C ALA A 216 -30.52 23.20 -5.86
N TRP A 217 -30.93 24.46 -5.91
CA TRP A 217 -30.36 25.38 -6.90
C TRP A 217 -29.09 25.99 -6.33
N GLY A 218 -28.09 26.19 -7.19
CA GLY A 218 -26.97 27.04 -6.81
C GLY A 218 -27.29 28.50 -7.07
N TYR A 219 -26.56 29.40 -6.40
CA TYR A 219 -26.81 30.82 -6.56
C TYR A 219 -25.51 31.53 -6.90
N ARG A 220 -25.46 32.13 -8.08
CA ARG A 220 -24.34 32.95 -8.52
C ARG A 220 -24.87 34.33 -8.90
N GLU A 221 -24.38 35.36 -8.22
CA GLU A 221 -24.84 36.73 -8.44
C GLU A 221 -26.36 36.82 -8.28
N GLY A 222 -26.90 36.06 -7.33
CA GLY A 222 -28.32 36.02 -7.10
C GLY A 222 -29.14 35.24 -8.09
N LYS A 223 -28.54 34.65 -9.11
CA LYS A 223 -29.29 33.86 -10.09
C LYS A 223 -29.16 32.37 -9.79
N ALA A 224 -30.26 31.64 -9.95
CA ALA A 224 -30.27 30.19 -9.74
C ALA A 224 -29.63 29.47 -10.91
N VAL A 225 -28.68 28.58 -10.63
CA VAL A 225 -27.82 27.96 -11.63
C VAL A 225 -27.51 26.52 -11.21
N HIS A 226 -27.43 25.65 -12.21
CA HIS A 226 -26.90 24.29 -12.07
C HIS A 226 -25.66 24.12 -12.93
N VAL A 227 -24.80 23.18 -12.55
CA VAL A 227 -23.58 22.96 -13.33
C VAL A 227 -23.92 22.56 -14.76
N SER A 228 -23.11 23.09 -15.74
CA SER A 228 -23.38 22.78 -17.15
C SER A 228 -22.59 21.54 -17.57
N PRO A 229 -23.07 20.80 -18.57
CA PRO A 229 -22.31 19.64 -19.06
C PRO A 229 -20.97 20.06 -19.64
N GLY A 230 -19.97 19.20 -19.48
CA GLY A 230 -18.65 19.45 -20.03
C GLY A 230 -17.91 18.14 -20.25
N ALA A 231 -16.84 18.21 -21.02
CA ALA A 231 -16.00 17.03 -21.20
C ALA A 231 -15.31 16.68 -19.88
N LEU A 232 -15.31 15.38 -19.56
CA LEU A 232 -14.75 14.84 -18.33
C LEU A 232 -15.41 15.43 -17.08
N ASP A 233 -16.66 15.90 -17.18
CA ASP A 233 -17.31 16.51 -16.03
C ASP A 233 -17.56 15.46 -14.94
N ALA A 234 -18.03 14.28 -15.31
CA ALA A 234 -18.30 13.24 -14.32
C ALA A 234 -17.05 12.91 -13.51
N GLU A 235 -15.91 12.83 -14.19
CA GLU A 235 -14.66 12.42 -13.56
C GLU A 235 -14.04 13.50 -12.68
N ALA A 236 -14.30 14.78 -12.96
CA ALA A 236 -13.59 15.86 -12.27
C ALA A 236 -14.47 16.65 -11.32
N TYR A 237 -15.75 16.81 -11.61
CA TYR A 237 -16.56 17.66 -10.75
C TYR A 237 -18.04 17.32 -10.80
N GLY A 238 -18.35 16.06 -11.10
CA GLY A 238 -19.69 15.68 -11.50
C GLY A 238 -20.64 15.12 -10.47
N VAL A 239 -20.26 14.99 -9.22
CA VAL A 239 -21.09 14.25 -8.27
C VAL A 239 -22.00 15.23 -7.51
N LYS A 240 -23.25 14.79 -7.29
CA LYS A 240 -24.19 15.48 -6.43
C LYS A 240 -24.60 14.52 -5.31
N SER A 241 -24.78 15.04 -4.09
CA SER A 241 -25.01 14.15 -2.95
C SER A 241 -25.70 14.91 -1.82
N THR A 242 -26.24 14.12 -0.88
CA THR A 242 -26.91 14.63 0.32
C THR A 242 -25.91 14.70 1.48
N ILE A 243 -26.32 15.40 2.55
CA ILE A 243 -25.45 15.45 3.73
C ILE A 243 -25.36 14.09 4.40
N GLU A 244 -26.40 13.26 4.30
CA GLU A 244 -26.33 11.94 4.91
C GLU A 244 -25.34 11.05 4.15
N ASP A 245 -25.41 11.04 2.81
CA ASP A 245 -24.46 10.22 2.08
C ASP A 245 -23.04 10.75 2.25
N MET A 246 -22.87 12.05 2.41
CA MET A 246 -21.51 12.54 2.53
C MET A 246 -20.95 12.21 3.91
N ALA A 247 -21.81 12.20 4.94
CA ALA A 247 -21.38 11.71 6.24
C ALA A 247 -20.94 10.25 6.15
N ARG A 248 -21.68 9.44 5.39
CA ARG A 248 -21.28 8.05 5.18
C ARG A 248 -19.96 7.95 4.43
N TRP A 249 -19.76 8.82 3.44
CA TRP A 249 -18.47 8.85 2.73
C TRP A 249 -17.32 9.16 3.70
N VAL A 250 -17.51 10.14 4.60
CA VAL A 250 -16.48 10.45 5.59
C VAL A 250 -16.23 9.25 6.51
N GLN A 251 -17.30 8.60 6.98
CA GLN A 251 -17.13 7.42 7.84
C GLN A 251 -16.33 6.33 7.12
N SER A 252 -16.64 6.09 5.85
CA SER A 252 -15.91 5.09 5.07
C SER A 252 -14.43 5.43 4.95
N ASN A 253 -14.12 6.71 4.72
CA ASN A 253 -12.72 7.11 4.59
C ASN A 253 -12.01 7.20 5.94
N LEU A 254 -12.75 7.33 7.05
CA LEU A 254 -12.14 7.31 8.38
C LEU A 254 -11.72 5.91 8.79
N LYS A 255 -12.56 4.91 8.50
CA LYS A 255 -12.32 3.53 8.91
C LYS A 255 -12.50 2.59 7.71
N PRO A 256 -11.53 2.58 6.80
CA PRO A 256 -11.67 1.72 5.61
C PRO A 256 -11.71 0.23 5.93
N LEU A 257 -11.14 -0.19 7.07
CA LEU A 257 -11.04 -1.61 7.39
C LEU A 257 -12.40 -2.21 7.71
N ASP A 258 -13.38 -1.38 8.10
CA ASP A 258 -14.73 -1.86 8.31
C ASP A 258 -15.45 -2.19 7.02
N ILE A 259 -14.90 -1.82 5.87
CA ILE A 259 -15.52 -2.09 4.58
C ILE A 259 -15.25 -3.53 4.20
N ASN A 260 -16.30 -4.23 3.76
CA ASN A 260 -16.18 -5.67 3.51
C ASN A 260 -15.59 -5.98 2.13
N GLU A 261 -15.83 -5.12 1.14
CA GLU A 261 -15.27 -5.31 -0.19
C GLU A 261 -13.76 -5.03 -0.14
N LYS A 262 -12.97 -6.06 -0.43
CA LYS A 262 -11.52 -5.97 -0.20
C LYS A 262 -10.87 -4.92 -1.09
N THR A 263 -11.17 -4.95 -2.39
CA THR A 263 -10.49 -4.00 -3.27
C THR A 263 -10.92 -2.56 -2.98
N LEU A 264 -12.15 -2.37 -2.48
CA LEU A 264 -12.57 -1.00 -2.17
C LEU A 264 -11.88 -0.50 -0.90
N GLN A 265 -11.75 -1.37 0.09
CA GLN A 265 -10.99 -1.03 1.29
C GLN A 265 -9.57 -0.61 0.92
N GLN A 266 -8.93 -1.40 0.04
CA GLN A 266 -7.57 -1.05 -0.37
C GLN A 266 -7.57 0.24 -1.18
N GLY A 267 -8.57 0.46 -2.04
CA GLY A 267 -8.58 1.64 -2.87
C GLY A 267 -8.70 2.91 -2.04
N ILE A 268 -9.51 2.86 -0.98
CA ILE A 268 -9.59 3.97 -0.04
C ILE A 268 -8.23 4.22 0.61
N GLN A 269 -7.54 3.15 1.01
CA GLN A 269 -6.22 3.33 1.61
C GLN A 269 -5.23 3.94 0.61
N LEU A 270 -5.28 3.52 -0.65
CA LEU A 270 -4.38 4.06 -1.66
C LEU A 270 -4.67 5.53 -1.94
N ALA A 271 -5.93 5.94 -1.87
CA ALA A 271 -6.20 7.33 -2.19
C ALA A 271 -5.70 8.28 -1.11
N GLN A 272 -5.46 7.77 0.10
CA GLN A 272 -4.90 8.55 1.21
C GLN A 272 -3.40 8.39 1.37
N SER A 273 -2.74 7.66 0.49
CA SER A 273 -1.29 7.59 0.51
C SER A 273 -0.67 8.92 0.07
N ARG A 274 0.54 9.20 0.54
CA ARG A 274 1.20 10.49 0.27
C ARG A 274 2.20 10.31 -0.88
N TYR A 275 1.92 10.91 -2.04
CA TYR A 275 2.69 10.70 -3.26
C TYR A 275 3.68 11.80 -3.57
N TRP A 276 3.35 13.03 -3.18
CA TRP A 276 4.13 14.23 -3.44
C TRP A 276 3.96 15.16 -2.26
N GLN A 277 5.01 15.94 -1.98
CA GLN A 277 4.94 16.99 -0.97
C GLN A 277 5.19 18.35 -1.61
N THR A 278 4.35 19.32 -1.27
CA THR A 278 4.62 20.72 -1.57
C THR A 278 4.30 21.56 -0.33
N GLY A 279 5.34 22.22 0.19
CA GLY A 279 5.18 22.93 1.45
C GLY A 279 4.80 21.96 2.55
N ASP A 280 3.69 22.25 3.24
CA ASP A 280 3.19 21.40 4.30
C ASP A 280 2.15 20.39 3.81
N MET A 281 1.82 20.35 2.52
CA MET A 281 0.75 19.48 2.08
C MET A 281 1.28 18.30 1.28
N TYR A 282 0.53 17.20 1.36
CA TYR A 282 0.84 15.96 0.66
C TYR A 282 -0.32 15.65 -0.27
N GLN A 283 -0.01 15.19 -1.47
CA GLN A 283 -1.01 14.91 -2.48
C GLN A 283 -1.32 13.42 -2.52
N GLY A 284 -2.61 13.08 -2.32
CA GLY A 284 -3.12 11.74 -2.48
C GLY A 284 -3.79 11.61 -3.84
N LEU A 285 -4.70 10.63 -3.93
CA LEU A 285 -5.55 10.49 -5.12
C LEU A 285 -6.87 11.19 -4.78
N GLY A 286 -7.03 12.42 -5.24
CA GLY A 286 -8.20 13.21 -4.90
C GLY A 286 -8.00 13.93 -3.58
N TRP A 287 -7.88 13.15 -2.51
CA TRP A 287 -7.66 13.72 -1.18
C TRP A 287 -6.32 14.46 -1.13
N GLU A 288 -6.27 15.48 -0.26
CA GLU A 288 -5.03 16.16 0.09
C GLU A 288 -4.84 16.07 1.60
N MET A 289 -3.58 16.03 2.06
CA MET A 289 -3.37 15.71 3.46
C MET A 289 -2.34 16.66 4.08
N LEU A 290 -2.51 16.95 5.36
CA LEU A 290 -1.45 17.57 6.16
C LEU A 290 -1.26 16.79 7.45
N ASP A 291 -0.07 16.92 8.04
CA ASP A 291 0.19 16.26 9.33
C ASP A 291 -0.64 16.88 10.43
N TRP A 292 -1.27 16.04 11.24
CA TRP A 292 -2.03 16.51 12.40
C TRP A 292 -1.16 16.43 13.66
N PRO A 293 -1.14 17.45 14.52
CA PRO A 293 -1.96 18.68 14.51
C PRO A 293 -1.49 19.68 13.46
N VAL A 294 -2.43 20.43 12.90
CA VAL A 294 -2.18 21.36 11.81
C VAL A 294 -2.26 22.78 12.34
N ASN A 295 -1.35 23.60 11.92
CA ASN A 295 -1.50 25.04 12.07
C ASN A 295 -2.68 25.46 11.21
N PRO A 296 -3.73 26.07 11.77
CA PRO A 296 -4.89 26.46 10.95
C PRO A 296 -4.56 27.40 9.80
N ASP A 297 -3.53 28.24 9.95
CA ASP A 297 -3.16 29.15 8.87
C ASP A 297 -2.42 28.44 7.74
N SER A 298 -1.85 27.26 7.99
CA SER A 298 -1.24 26.48 6.92
C SER A 298 -2.28 25.78 6.06
N ILE A 299 -3.48 25.56 6.58
CA ILE A 299 -4.58 25.01 5.80
C ILE A 299 -5.52 26.13 5.37
N ILE A 307 -6.41 32.44 -6.09
CA ILE A 307 -5.43 32.18 -7.15
C ILE A 307 -5.99 31.31 -8.27
N ALA A 308 -5.97 31.87 -9.49
CA ALA A 308 -6.47 31.14 -10.66
C ALA A 308 -5.52 30.04 -11.11
N LEU A 309 -4.22 30.22 -10.90
CA LEU A 309 -3.20 29.26 -11.32
C LEU A 309 -2.06 29.36 -10.32
N ALA A 310 -1.70 28.24 -9.67
CA ALA A 310 -0.62 28.21 -8.69
C ALA A 310 0.28 27.02 -9.00
N ALA A 311 1.41 27.29 -9.68
CA ALA A 311 2.37 26.25 -10.03
C ALA A 311 3.36 26.09 -8.88
N ARG A 312 3.53 24.87 -8.37
CA ARG A 312 4.41 24.61 -7.24
C ARG A 312 5.33 23.43 -7.50
N PRO A 313 6.63 23.55 -7.22
CA PRO A 313 7.51 22.38 -7.33
C PRO A 313 7.11 21.33 -6.30
N VAL A 314 7.26 20.05 -6.67
CA VAL A 314 6.91 18.93 -5.80
C VAL A 314 8.13 18.09 -5.52
N LYS A 315 8.21 17.55 -4.31
CA LYS A 315 9.19 16.52 -3.97
C LYS A 315 8.49 15.18 -4.02
N ALA A 316 9.06 14.23 -4.75
CA ALA A 316 8.51 12.88 -4.78
C ALA A 316 8.71 12.24 -3.42
N ILE A 317 7.69 11.48 -2.99
CA ILE A 317 7.78 10.65 -1.80
C ILE A 317 8.02 9.23 -2.29
N THR A 318 9.25 8.75 -2.13
CA THR A 318 9.73 7.54 -2.81
C THR A 318 10.12 6.48 -1.79
N PRO A 319 9.28 5.46 -1.55
CA PRO A 319 7.96 5.22 -2.10
C PRO A 319 6.88 5.98 -1.34
N PRO A 320 5.66 6.02 -1.87
CA PRO A 320 4.59 6.77 -1.18
C PRO A 320 4.36 6.24 0.24
N THR A 321 4.09 7.18 1.15
CA THR A 321 3.78 6.83 2.54
C THR A 321 2.35 6.30 2.62
N PRO A 322 2.13 5.11 3.21
CA PRO A 322 0.76 4.64 3.39
C PRO A 322 -0.03 5.57 4.28
N ALA A 323 -1.36 5.52 4.14
CA ALA A 323 -2.23 6.47 4.81
C ALA A 323 -1.85 6.67 6.28
N VAL A 324 -1.54 7.92 6.64
CA VAL A 324 -1.14 8.27 7.99
C VAL A 324 -2.39 8.62 8.80
N ARG A 325 -2.67 7.83 9.83
CA ARG A 325 -3.87 8.06 10.63
C ARG A 325 -3.86 9.43 11.30
N ALA A 326 -2.69 9.99 11.58
CA ALA A 326 -2.59 11.30 12.23
C ALA A 326 -2.46 12.41 11.18
N SER A 327 -3.55 12.63 10.45
CA SER A 327 -3.56 13.59 9.36
C SER A 327 -4.86 14.38 9.37
N TRP A 328 -4.77 15.61 8.87
CA TRP A 328 -5.92 16.39 8.44
C TRP A 328 -6.09 16.09 6.94
N VAL A 329 -7.09 15.28 6.61
CA VAL A 329 -7.35 14.87 5.23
C VAL A 329 -8.53 15.71 4.76
N HIS A 330 -8.40 16.37 3.60
CA HIS A 330 -9.47 17.29 3.22
C HIS A 330 -9.55 17.46 1.70
N LYS A 331 -10.65 18.12 1.30
CA LYS A 331 -10.86 18.56 -0.08
C LYS A 331 -11.92 19.65 -0.11
N THR A 332 -11.62 20.74 -0.83
CA THR A 332 -12.58 21.79 -1.14
C THR A 332 -13.21 21.50 -2.50
N GLY A 333 -14.40 22.05 -2.72
CA GLY A 333 -15.02 21.88 -4.02
C GLY A 333 -15.91 23.05 -4.34
N ALA A 334 -16.01 23.36 -5.63
CA ALA A 334 -16.87 24.45 -6.03
C ALA A 334 -17.45 24.18 -7.40
N THR A 335 -18.66 24.67 -7.60
CA THR A 335 -19.20 24.91 -8.93
C THR A 335 -19.63 26.36 -8.96
N GLY A 336 -20.09 26.79 -10.13
CA GLY A 336 -20.52 28.17 -10.27
C GLY A 336 -21.45 28.60 -9.14
N GLY A 337 -22.29 27.67 -8.68
CA GLY A 337 -23.28 28.04 -7.67
C GLY A 337 -23.15 27.34 -6.34
N PHE A 338 -22.09 26.54 -6.14
CA PHE A 338 -22.04 25.71 -4.95
C PHE A 338 -20.65 25.73 -4.35
N GLY A 339 -20.58 25.57 -3.03
CA GLY A 339 -19.32 25.46 -2.31
C GLY A 339 -19.33 24.36 -1.28
N SER A 340 -18.39 23.42 -1.35
CA SER A 340 -18.36 22.27 -0.47
C SER A 340 -17.00 22.12 0.19
N TYR A 341 -17.00 21.45 1.35
CA TYR A 341 -15.76 21.16 2.04
C TYR A 341 -15.91 19.89 2.85
N VAL A 342 -14.87 19.06 2.83
CA VAL A 342 -14.83 17.85 3.64
C VAL A 342 -13.47 17.79 4.30
N ALA A 343 -13.43 17.51 5.61
CA ALA A 343 -12.16 17.30 6.30
C ALA A 343 -12.35 16.27 7.39
N PHE A 344 -11.34 15.44 7.62
CA PHE A 344 -11.45 14.46 8.69
C PHE A 344 -10.07 14.13 9.22
N ILE A 345 -10.06 13.62 10.46
CA ILE A 345 -8.86 13.25 11.20
C ILE A 345 -9.05 11.79 11.63
N PRO A 346 -8.38 10.85 10.96
CA PRO A 346 -8.60 9.42 11.25
C PRO A 346 -8.24 9.01 12.68
N GLU A 347 -7.15 9.55 13.23
CA GLU A 347 -6.72 9.11 14.54
C GLU A 347 -7.67 9.54 15.65
N LYS A 348 -8.53 10.53 15.39
CA LYS A 348 -9.51 11.01 16.36
C LYS A 348 -10.92 10.54 16.03
N GLU A 349 -11.10 9.77 14.96
CA GLU A 349 -12.42 9.37 14.48
C GLU A 349 -13.33 10.58 14.29
N LEU A 350 -12.77 11.67 13.77
CA LEU A 350 -13.45 12.96 13.75
C LEU A 350 -13.59 13.47 12.33
N GLY A 351 -14.73 14.08 11.98
CA GLY A 351 -14.80 14.65 10.64
C GLY A 351 -15.95 15.62 10.47
N ILE A 352 -15.95 16.31 9.33
CA ILE A 352 -16.97 17.31 9.04
C ILE A 352 -17.18 17.41 7.53
N VAL A 353 -18.44 17.65 7.16
CA VAL A 353 -18.84 17.96 5.80
C VAL A 353 -19.66 19.24 5.85
N MET A 354 -19.35 20.18 4.96
CA MET A 354 -20.08 21.45 4.84
C MET A 354 -20.52 21.61 3.38
N LEU A 355 -21.85 21.63 3.15
CA LEU A 355 -22.39 21.75 1.79
C LEU A 355 -23.20 23.03 1.69
N ALA A 356 -22.87 23.90 0.73
CA ALA A 356 -23.62 25.15 0.60
C ALA A 356 -23.94 25.43 -0.87
N ASN A 357 -25.05 26.15 -1.09
CA ASN A 357 -25.43 26.49 -2.45
C ASN A 357 -25.08 27.93 -2.79
N LYS A 358 -23.86 28.31 -2.41
CA LYS A 358 -23.17 29.49 -2.91
C LYS A 358 -21.68 29.15 -2.89
N ASN A 359 -20.94 29.61 -3.90
CA ASN A 359 -19.49 29.38 -3.96
C ASN A 359 -18.81 30.52 -3.22
N TYR A 360 -18.55 30.32 -1.93
CA TYR A 360 -17.99 31.36 -1.06
C TYR A 360 -16.54 31.02 -0.72
N PRO A 361 -15.74 31.98 -0.23
CA PRO A 361 -14.28 31.78 -0.26
C PRO A 361 -13.78 30.59 0.58
N ASN A 362 -12.80 29.88 0.02
CA ASN A 362 -12.24 28.71 0.69
C ASN A 362 -11.71 28.99 2.09
N PRO A 363 -11.01 30.10 2.36
CA PRO A 363 -10.51 30.32 3.73
C PRO A 363 -11.60 30.30 4.77
N ALA A 364 -12.78 30.84 4.46
CA ALA A 364 -13.89 30.83 5.41
C ALA A 364 -14.36 29.41 5.71
N ARG A 365 -14.39 28.54 4.69
CA ARG A 365 -14.73 27.15 4.91
C ARG A 365 -13.73 26.49 5.86
N VAL A 366 -12.43 26.65 5.57
CA VAL A 366 -11.45 25.95 6.38
C VAL A 366 -11.44 26.50 7.81
N ASP A 367 -11.61 27.81 7.97
CA ASP A 367 -11.64 28.41 9.31
C ASP A 367 -12.78 27.83 10.13
N ALA A 368 -13.99 27.79 9.54
CA ALA A 368 -15.15 27.23 10.26
C ALA A 368 -14.92 25.76 10.63
N ALA A 369 -14.44 24.97 9.67
CA ALA A 369 -14.18 23.56 9.92
C ALA A 369 -13.16 23.37 11.03
N TRP A 370 -12.09 24.17 11.03
CA TRP A 370 -11.08 24.05 12.07
C TRP A 370 -11.64 24.44 13.43
N GLN A 371 -12.43 25.52 13.50
CA GLN A 371 -13.02 25.89 14.79
C GLN A 371 -13.83 24.74 15.37
N ILE A 372 -14.63 24.08 14.51
CA ILE A 372 -15.49 23.00 14.99
C ILE A 372 -14.66 21.78 15.41
N LEU A 373 -13.78 21.31 14.52
CA LEU A 373 -13.02 20.10 14.85
C LEU A 373 -12.06 20.33 16.01
N ASN A 374 -11.36 21.47 16.02
CA ASN A 374 -10.48 21.77 17.15
C ASN A 374 -11.26 21.77 18.47
N ALA A 375 -12.45 22.40 18.48
CA ALA A 375 -13.25 22.38 19.71
C ALA A 375 -13.59 20.96 20.13
N LEU A 376 -13.81 20.06 19.17
CA LEU A 376 -14.28 18.73 19.55
C LEU A 376 -13.15 17.73 19.77
N GLN A 377 -11.93 18.01 19.33
CA GLN A 377 -10.86 17.02 19.44
C GLN A 377 -10.29 17.02 20.85
N ALA B 20 -4.50 -36.71 3.92
CA ALA B 20 -4.55 -35.79 2.79
C ALA B 20 -5.23 -36.43 1.59
N PRO B 21 -5.79 -35.61 0.69
CA PRO B 21 -6.31 -36.14 -0.58
C PRO B 21 -5.23 -36.94 -1.31
N GLN B 22 -5.68 -37.93 -2.09
CA GLN B 22 -4.74 -38.82 -2.77
C GLN B 22 -3.86 -38.05 -3.76
N GLN B 23 -4.39 -37.02 -4.42
CA GLN B 23 -3.59 -36.29 -5.40
C GLN B 23 -2.39 -35.62 -4.74
N ILE B 24 -2.59 -35.08 -3.53
CA ILE B 24 -1.48 -34.43 -2.82
C ILE B 24 -0.46 -35.48 -2.35
N ASN B 25 -0.94 -36.54 -1.68
CA ASN B 25 -0.03 -37.60 -1.28
C ASN B 25 0.79 -38.11 -2.46
N ASP B 26 0.13 -38.32 -3.60
CA ASP B 26 0.81 -38.91 -4.73
C ASP B 26 1.91 -38.00 -5.26
N ILE B 27 1.59 -36.73 -5.51
CA ILE B 27 2.62 -35.87 -6.11
C ILE B 27 3.74 -35.60 -5.12
N VAL B 28 3.42 -35.47 -3.83
CA VAL B 28 4.47 -35.21 -2.85
C VAL B 28 5.40 -36.42 -2.72
N HIS B 29 4.82 -37.62 -2.62
CA HIS B 29 5.65 -38.83 -2.50
C HIS B 29 6.48 -39.04 -3.76
N ARG B 30 5.95 -38.71 -4.93
CA ARG B 30 6.71 -38.95 -6.14
C ARG B 30 7.78 -37.89 -6.37
N THR B 31 7.66 -36.73 -5.70
CA THR B 31 8.63 -35.65 -5.90
C THR B 31 9.65 -35.54 -4.78
N ILE B 32 9.20 -35.46 -3.52
CA ILE B 32 10.11 -35.19 -2.41
C ILE B 32 10.87 -36.45 -1.99
N THR B 33 10.21 -37.61 -1.94
CA THR B 33 10.90 -38.80 -1.46
C THR B 33 12.13 -39.14 -2.32
N PRO B 34 12.05 -39.12 -3.66
CA PRO B 34 13.27 -39.28 -4.46
C PRO B 34 14.25 -38.12 -4.34
N LEU B 35 13.77 -36.88 -4.15
CA LEU B 35 14.69 -35.76 -3.92
C LEU B 35 15.57 -36.02 -2.71
N ILE B 36 14.96 -36.51 -1.63
CA ILE B 36 15.71 -36.85 -0.42
C ILE B 36 16.75 -37.92 -0.73
N GLU B 37 16.37 -38.95 -1.50
CA GLU B 37 17.35 -40.00 -1.82
C GLU B 37 18.49 -39.43 -2.67
N GLN B 38 18.19 -38.54 -3.61
CA GLN B 38 19.21 -38.01 -4.52
C GLN B 38 20.16 -37.06 -3.81
N GLN B 39 19.66 -36.26 -2.88
CA GLN B 39 20.46 -35.27 -2.17
C GLN B 39 21.01 -35.79 -0.85
N LYS B 40 20.67 -37.01 -0.47
CA LYS B 40 21.07 -37.61 0.80
C LYS B 40 20.71 -36.72 1.99
N ILE B 41 19.47 -36.26 1.99
CA ILE B 41 18.98 -35.36 3.05
C ILE B 41 18.63 -36.21 4.29
N PRO B 42 19.19 -35.89 5.46
CA PRO B 42 18.91 -36.72 6.66
C PRO B 42 17.48 -36.64 7.17
N GLY B 43 16.89 -35.45 7.21
CA GLY B 43 15.52 -35.31 7.67
C GLY B 43 14.85 -34.17 6.96
N MET B 44 13.52 -34.23 6.86
CA MET B 44 12.83 -33.23 6.05
C MET B 44 11.37 -33.18 6.47
N ALA B 45 10.81 -31.96 6.45
CA ALA B 45 9.41 -31.73 6.70
C ALA B 45 8.86 -30.87 5.58
N VAL B 46 7.66 -31.18 5.12
CA VAL B 46 7.01 -30.44 4.05
C VAL B 46 5.59 -30.14 4.50
N ALA B 47 5.12 -28.93 4.18
CA ALA B 47 3.71 -28.60 4.31
C ALA B 47 3.19 -28.14 2.96
N VAL B 48 2.02 -28.64 2.59
CA VAL B 48 1.31 -28.19 1.39
C VAL B 48 0.03 -27.52 1.84
N ILE B 49 -0.20 -26.30 1.39
CA ILE B 49 -1.44 -25.59 1.66
C ILE B 49 -2.28 -25.69 0.40
N TYR B 50 -3.43 -26.35 0.50
CA TYR B 50 -4.31 -26.64 -0.63
C TYR B 50 -5.70 -26.16 -0.26
N GLN B 51 -6.27 -25.28 -1.09
CA GLN B 51 -7.54 -24.60 -0.79
C GLN B 51 -7.53 -24.07 0.64
N GLY B 52 -6.39 -23.51 1.05
CA GLY B 52 -6.26 -22.88 2.34
C GLY B 52 -5.99 -23.81 3.51
N LYS B 53 -6.03 -25.12 3.32
CA LYS B 53 -5.83 -26.12 4.39
C LYS B 53 -4.43 -26.71 4.34
N PRO B 54 -3.77 -26.89 5.49
CA PRO B 54 -2.43 -27.48 5.50
C PRO B 54 -2.42 -29.00 5.64
N TYR B 55 -1.47 -29.61 4.92
CA TYR B 55 -1.19 -31.04 4.97
C TYR B 55 0.30 -31.21 5.21
N TYR B 56 0.67 -32.18 6.04
CA TYR B 56 2.02 -32.28 6.58
C TYR B 56 2.65 -33.62 6.23
N PHE B 57 3.95 -33.59 5.94
CA PHE B 57 4.71 -34.76 5.50
C PHE B 57 6.07 -34.73 6.19
N THR B 58 6.56 -35.90 6.65
CA THR B 58 7.83 -35.96 7.35
C THR B 58 8.64 -37.17 6.89
N TRP B 59 9.96 -36.99 6.88
CA TRP B 59 10.93 -38.03 6.53
C TRP B 59 12.15 -37.95 7.43
N GLY B 60 12.68 -39.10 7.83
CA GLY B 60 14.03 -39.14 8.36
C GLY B 60 14.18 -38.61 9.78
N TYR B 61 15.39 -38.13 10.07
CA TYR B 61 15.83 -37.84 11.44
C TYR B 61 16.15 -36.37 11.63
N ALA B 62 15.69 -35.82 12.77
CA ALA B 62 16.15 -34.51 13.22
C ALA B 62 17.55 -34.59 13.82
N ASP B 63 17.86 -35.70 14.50
CA ASP B 63 19.16 -35.97 15.12
C ASP B 63 19.53 -37.40 14.75
N ILE B 64 20.60 -37.55 13.95
CA ILE B 64 20.99 -38.86 13.41
C ILE B 64 21.52 -39.75 14.53
N ALA B 65 22.42 -39.21 15.36
CA ALA B 65 23.01 -39.99 16.44
C ALA B 65 21.95 -40.49 17.43
N LYS B 66 21.02 -39.62 17.81
CA LYS B 66 19.97 -40.01 18.74
C LYS B 66 18.79 -40.72 18.05
N LYS B 67 18.78 -40.76 16.72
CA LYS B 67 17.68 -41.32 15.95
C LYS B 67 16.35 -40.68 16.34
N GLN B 68 16.37 -39.37 16.58
CA GLN B 68 15.16 -38.62 16.85
C GLN B 68 14.48 -38.30 15.52
N PRO B 69 13.23 -38.73 15.32
CA PRO B 69 12.58 -38.50 14.03
C PRO B 69 12.20 -37.03 13.86
N VAL B 70 12.12 -36.61 12.60
CA VAL B 70 11.44 -35.35 12.30
C VAL B 70 9.96 -35.52 12.66
N THR B 71 9.41 -34.53 13.37
CA THR B 71 8.00 -34.47 13.72
C THR B 71 7.44 -33.10 13.35
N GLN B 72 6.15 -32.89 13.62
CA GLN B 72 5.57 -31.57 13.40
C GLN B 72 6.11 -30.53 14.38
N GLN B 73 6.84 -30.97 15.41
CA GLN B 73 7.36 -30.08 16.44
C GLN B 73 8.84 -29.79 16.25
N THR B 74 9.47 -30.34 15.21
CA THR B 74 10.89 -30.15 15.00
C THR B 74 11.19 -28.74 14.49
N LEU B 75 12.13 -28.04 15.14
CA LEU B 75 12.55 -26.72 14.69
C LEU B 75 13.70 -26.85 13.70
N PHE B 76 13.56 -26.16 12.56
CA PHE B 76 14.60 -26.05 11.53
C PHE B 76 15.10 -24.61 11.43
N GLU B 77 16.38 -24.47 11.09
CA GLU B 77 16.94 -23.16 10.77
C GLU B 77 16.42 -22.70 9.40
N LEU B 78 15.79 -21.52 9.38
CA LEU B 78 15.23 -21.03 8.12
C LEU B 78 16.26 -20.35 7.24
N GLY B 79 17.40 -19.94 7.79
CA GLY B 79 18.33 -19.15 6.99
C GLY B 79 17.65 -17.90 6.47
N SER B 80 17.85 -17.60 5.18
CA SER B 80 17.33 -16.36 4.60
C SER B 80 15.81 -16.32 4.44
N VAL B 81 15.07 -17.42 4.65
CA VAL B 81 13.62 -17.27 4.72
C VAL B 81 13.26 -16.35 5.91
N SER B 82 14.19 -16.17 6.84
CA SER B 82 14.00 -15.20 7.91
C SER B 82 13.77 -13.79 7.38
N LYS B 83 14.38 -13.44 6.23
CA LYS B 83 14.18 -12.12 5.65
C LYS B 83 12.70 -11.84 5.38
N THR B 84 11.86 -12.87 5.16
CA THR B 84 10.45 -12.55 4.95
C THR B 84 9.85 -12.03 6.25
N PHE B 85 10.24 -12.61 7.38
CA PHE B 85 9.77 -12.09 8.66
C PHE B 85 10.27 -10.66 8.86
N THR B 86 11.54 -10.41 8.50
CA THR B 86 12.05 -9.06 8.71
C THR B 86 11.29 -8.09 7.82
N GLY B 87 10.97 -8.52 6.59
CA GLY B 87 10.26 -7.64 5.69
C GLY B 87 8.92 -7.29 6.29
N VAL B 88 8.23 -8.30 6.83
CA VAL B 88 6.88 -8.08 7.32
C VAL B 88 6.93 -7.24 8.59
N LEU B 89 7.95 -7.43 9.42
CA LEU B 89 8.05 -6.60 10.62
C LEU B 89 8.26 -5.14 10.21
N GLY B 90 9.10 -4.92 9.19
CA GLY B 90 9.28 -3.57 8.71
C GLY B 90 7.98 -3.03 8.17
N GLY B 91 7.23 -3.87 7.44
CA GLY B 91 5.94 -3.43 6.94
C GLY B 91 5.05 -3.00 8.09
N ASP B 92 5.07 -3.76 9.17
CA ASP B 92 4.23 -3.43 10.32
C ASP B 92 4.63 -2.09 10.91
N ALA B 93 5.94 -1.81 10.98
CA ALA B 93 6.38 -0.55 11.55
C ALA B 93 6.00 0.61 10.65
N ILE B 94 5.96 0.38 9.34
CA ILE B 94 5.46 1.40 8.43
C ILE B 94 3.99 1.65 8.68
N ALA B 95 3.22 0.57 8.87
CA ALA B 95 1.78 0.73 9.07
C ALA B 95 1.49 1.43 10.38
N ARG B 96 2.37 1.28 11.37
CA ARG B 96 2.27 1.93 12.67
C ARG B 96 2.65 3.40 12.64
N GLY B 97 3.14 3.90 11.50
CA GLY B 97 3.63 5.26 11.45
C GLY B 97 4.98 5.48 12.10
N GLU B 98 5.69 4.40 12.46
CA GLU B 98 6.98 4.55 13.13
C GLU B 98 8.12 4.88 12.17
N ILE B 99 8.06 4.38 10.94
CA ILE B 99 9.10 4.62 9.94
C ILE B 99 8.44 4.82 8.59
N LYS B 100 9.19 5.40 7.66
CA LYS B 100 8.80 5.49 6.26
C LYS B 100 9.98 4.98 5.42
N LEU B 101 9.66 4.26 4.34
CA LEU B 101 10.72 3.74 3.48
C LEU B 101 11.40 4.86 2.72
N SER B 102 10.77 6.03 2.62
CA SER B 102 11.36 7.19 1.98
C SER B 102 12.36 7.91 2.86
N ASP B 103 12.48 7.52 4.15
CA ASP B 103 13.32 8.28 5.06
C ASP B 103 14.80 7.88 4.92
N PRO B 104 15.70 8.84 5.09
CA PRO B 104 17.13 8.54 5.06
C PRO B 104 17.51 7.56 6.13
N THR B 105 18.52 6.75 5.82
CA THR B 105 19.07 5.82 6.81
C THR B 105 19.53 6.56 8.05
N THR B 106 20.07 7.77 7.87
CA THR B 106 20.61 8.56 8.96
C THR B 106 19.53 9.01 9.95
N LYS B 107 18.26 9.05 9.53
CA LYS B 107 17.20 9.51 10.44
C LYS B 107 17.10 8.62 11.68
N TYR B 108 17.31 7.32 11.53
CA TYR B 108 17.20 6.38 12.63
C TYR B 108 18.56 5.86 13.08
N TRP B 109 19.65 6.33 12.46
CA TRP B 109 21.01 6.08 12.96
C TRP B 109 21.77 7.40 12.85
N PRO B 110 21.49 8.35 13.75
CA PRO B 110 22.08 9.69 13.60
C PRO B 110 23.60 9.70 13.54
N GLU B 111 24.26 8.71 14.17
CA GLU B 111 25.71 8.57 14.18
C GLU B 111 26.29 8.15 12.82
N LEU B 112 25.46 7.72 11.88
CA LEU B 112 25.94 7.34 10.55
C LEU B 112 25.97 8.59 9.67
N THR B 113 27.06 9.34 9.78
CA THR B 113 27.11 10.68 9.21
C THR B 113 27.91 10.77 7.90
N ALA B 114 28.58 9.68 7.48
CA ALA B 114 29.45 9.78 6.32
C ALA B 114 28.66 10.15 5.07
N LYS B 115 29.30 10.95 4.20
CA LYS B 115 28.56 11.61 3.12
C LYS B 115 28.02 10.62 2.09
N GLN B 116 28.60 9.42 1.98
CA GLN B 116 28.10 8.48 0.98
C GLN B 116 26.73 7.90 1.35
N TRP B 117 26.24 8.15 2.56
CA TRP B 117 24.91 7.71 2.97
C TRP B 117 23.82 8.71 2.64
N ASN B 118 24.19 9.89 2.17
CA ASN B 118 23.19 10.82 1.67
C ASN B 118 22.53 10.22 0.44
N GLY B 119 21.19 10.16 0.49
CA GLY B 119 20.45 9.56 -0.59
C GLY B 119 20.14 8.08 -0.43
N ILE B 120 20.68 7.41 0.60
CA ILE B 120 20.43 6.00 0.83
C ILE B 120 19.31 5.90 1.87
N THR B 121 18.16 5.40 1.45
CA THR B 121 16.95 5.37 2.26
C THR B 121 16.71 3.97 2.81
N LEU B 122 15.71 3.88 3.70
CA LEU B 122 15.36 2.55 4.22
C LEU B 122 14.90 1.62 3.11
N LEU B 123 14.21 2.16 2.08
CA LEU B 123 13.80 1.32 0.97
C LEU B 123 15.01 0.63 0.33
N HIS B 124 16.10 1.39 0.15
CA HIS B 124 17.30 0.82 -0.48
C HIS B 124 17.88 -0.30 0.37
N LEU B 125 17.89 -0.12 1.70
CA LEU B 125 18.39 -1.18 2.57
C LEU B 125 17.50 -2.42 2.48
N ALA B 126 16.18 -2.22 2.51
CA ALA B 126 15.24 -3.32 2.55
C ALA B 126 15.26 -4.15 1.26
N THR B 127 15.64 -3.55 0.12
CA THR B 127 15.51 -4.21 -1.17
C THR B 127 16.85 -4.44 -1.86
N TYR B 128 17.96 -4.30 -1.12
CA TYR B 128 19.31 -4.59 -1.63
C TYR B 128 19.73 -3.62 -2.73
N THR B 129 19.25 -2.38 -2.71
CA THR B 129 19.55 -1.43 -3.79
C THR B 129 20.34 -0.21 -3.31
N ALA B 130 21.00 -0.30 -2.16
CA ALA B 130 21.75 0.85 -1.65
C ALA B 130 22.99 1.16 -2.47
N GLY B 131 23.48 0.19 -3.24
CA GLY B 131 24.59 0.45 -4.11
C GLY B 131 25.77 -0.47 -3.88
N GLY B 132 25.50 -1.71 -3.51
CA GLY B 132 26.54 -2.70 -3.39
C GLY B 132 27.02 -3.02 -1.99
N LEU B 133 26.16 -2.86 -0.97
CA LEU B 133 26.45 -3.41 0.34
C LEU B 133 26.73 -4.91 0.21
N PRO B 134 27.72 -5.44 0.93
CA PRO B 134 28.20 -6.80 0.62
C PRO B 134 27.30 -7.91 1.11
N LEU B 135 27.46 -9.07 0.47
CA LEU B 135 26.62 -10.23 0.78
C LEU B 135 26.66 -10.59 2.27
N GLN B 136 27.86 -10.57 2.85
N GLN B 136 27.86 -10.56 2.86
CA GLN B 136 28.04 -10.90 4.27
CA GLN B 136 28.03 -10.91 4.26
C GLN B 136 28.69 -9.73 4.99
C GLN B 136 28.71 -9.76 5.00
N VAL B 137 28.23 -9.49 6.22
CA VAL B 137 29.03 -8.66 7.11
C VAL B 137 30.32 -9.41 7.42
N PRO B 138 31.49 -8.79 7.33
CA PRO B 138 32.73 -9.51 7.68
C PRO B 138 32.64 -10.17 9.04
N ASP B 139 33.27 -11.35 9.17
CA ASP B 139 33.11 -12.14 10.39
C ASP B 139 33.76 -11.48 11.59
N GLU B 140 34.74 -10.59 11.38
CA GLU B 140 35.40 -9.91 12.49
C GLU B 140 34.54 -8.82 13.11
N VAL B 141 33.48 -8.38 12.42
CA VAL B 141 32.60 -7.34 12.93
C VAL B 141 31.64 -7.99 13.93
N LYS B 142 31.72 -7.59 15.19
CA LYS B 142 30.86 -8.14 16.24
C LYS B 142 30.04 -7.07 16.95
N SER B 143 30.69 -6.07 17.53
CA SER B 143 30.06 -5.12 18.43
C SER B 143 29.35 -4.01 17.66
N SER B 144 28.58 -3.20 18.40
CA SER B 144 27.92 -2.05 17.79
C SER B 144 28.93 -1.06 17.24
N SER B 145 30.06 -0.89 17.95
CA SER B 145 31.09 0.02 17.47
C SER B 145 31.73 -0.49 16.20
N ASP B 146 31.95 -1.81 16.11
CA ASP B 146 32.46 -2.42 14.88
C ASP B 146 31.53 -2.19 13.71
N LEU B 147 30.22 -2.38 13.95
CA LEU B 147 29.22 -2.21 12.91
C LEU B 147 29.17 -0.77 12.42
N LEU B 148 29.20 0.18 13.36
CA LEU B 148 29.26 1.57 12.96
C LEU B 148 30.48 1.83 12.06
N ARG B 149 31.66 1.34 12.47
CA ARG B 149 32.86 1.60 11.67
C ARG B 149 32.74 0.97 10.29
N PHE B 150 32.21 -0.25 10.23
CA PHE B 150 32.02 -0.93 8.94
C PHE B 150 31.16 -0.09 8.00
N TYR B 151 29.97 0.33 8.46
CA TYR B 151 29.11 1.10 7.56
C TYR B 151 29.66 2.50 7.28
N GLN B 152 30.35 3.13 8.25
CA GLN B 152 30.88 4.47 8.00
C GLN B 152 32.01 4.42 6.98
N ASN B 153 32.73 3.29 6.90
CA ASN B 153 33.85 3.11 5.98
C ASN B 153 33.46 2.49 4.64
N TRP B 154 32.23 1.99 4.51
CA TRP B 154 31.83 1.32 3.28
C TRP B 154 31.66 2.33 2.16
N GLN B 155 32.24 2.03 0.99
CA GLN B 155 32.09 2.88 -0.18
C GLN B 155 31.30 2.15 -1.26
N PRO B 156 30.30 2.79 -1.85
CA PRO B 156 29.40 2.09 -2.77
C PRO B 156 30.05 1.74 -4.11
N ALA B 157 29.55 0.68 -4.72
CA ALA B 157 29.92 0.30 -6.07
C ALA B 157 29.09 1.02 -7.12
N TRP B 158 27.89 1.45 -6.77
CA TRP B 158 26.95 2.10 -7.67
C TRP B 158 26.16 3.14 -6.89
N ALA B 159 25.48 4.02 -7.63
CA ALA B 159 24.60 5.00 -6.99
C ALA B 159 23.37 4.30 -6.41
N PRO B 160 22.73 4.92 -5.41
CA PRO B 160 21.54 4.30 -4.81
C PRO B 160 20.43 4.11 -5.83
N GLY B 161 19.72 2.99 -5.70
CA GLY B 161 18.54 2.74 -6.51
C GLY B 161 18.83 2.43 -7.96
N THR B 162 19.96 1.79 -8.24
CA THR B 162 20.32 1.45 -9.63
C THR B 162 20.60 -0.04 -9.84
N GLN B 163 21.18 -0.72 -8.86
CA GLN B 163 21.54 -2.13 -8.99
C GLN B 163 21.07 -2.87 -7.74
N ARG B 164 20.54 -4.07 -7.95
CA ARG B 164 20.17 -4.98 -6.86
C ARG B 164 21.31 -5.95 -6.63
N LEU B 165 21.84 -5.99 -5.41
CA LEU B 165 22.85 -6.99 -5.03
C LEU B 165 22.42 -7.62 -3.70
N TYR B 166 21.91 -8.85 -3.78
CA TYR B 166 21.44 -9.56 -2.60
C TYR B 166 22.47 -9.52 -1.48
N ALA B 167 22.05 -9.12 -0.28
CA ALA B 167 23.03 -8.85 0.78
C ALA B 167 22.40 -8.92 2.18
N ASN B 168 23.02 -9.71 3.05
CA ASN B 168 22.65 -9.70 4.47
C ASN B 168 22.93 -8.36 5.11
N SER B 169 24.02 -7.68 4.72
CA SER B 169 24.37 -6.41 5.33
C SER B 169 23.41 -5.29 4.96
N SER B 170 22.55 -5.52 3.99
CA SER B 170 21.55 -4.52 3.56
C SER B 170 20.26 -4.70 4.37
N ILE B 171 19.56 -5.82 4.15
CA ILE B 171 18.29 -6.03 4.85
C ILE B 171 18.51 -6.24 6.34
N GLY B 172 19.68 -6.75 6.74
CA GLY B 172 19.99 -6.84 8.17
C GLY B 172 19.96 -5.49 8.85
N LEU B 173 20.60 -4.49 8.23
CA LEU B 173 20.58 -3.14 8.79
C LEU B 173 19.18 -2.54 8.73
N PHE B 174 18.44 -2.81 7.64
CA PHE B 174 17.05 -2.38 7.59
C PHE B 174 16.28 -2.86 8.82
N GLY B 175 16.42 -4.15 9.13
CA GLY B 175 15.65 -4.71 10.24
C GLY B 175 16.06 -4.09 11.57
N ALA B 176 17.35 -3.84 11.74
CA ALA B 176 17.80 -3.21 12.99
C ALA B 176 17.28 -1.78 13.13
N LEU B 177 17.23 -1.03 12.04
CA LEU B 177 16.77 0.37 12.13
C LEU B 177 15.26 0.47 12.20
N ALA B 178 14.54 -0.48 11.60
CA ALA B 178 13.08 -0.40 11.53
C ALA B 178 12.47 -0.44 12.93
N VAL B 179 13.13 -1.11 13.89
CA VAL B 179 12.56 -1.25 15.23
C VAL B 179 13.04 -0.17 16.20
N LYS B 180 13.96 0.71 15.78
CA LYS B 180 14.44 1.76 16.69
C LYS B 180 13.33 2.65 17.22
N PRO B 181 12.42 3.20 16.40
CA PRO B 181 11.36 4.07 16.96
C PRO B 181 10.51 3.39 18.02
N SER B 182 10.32 2.07 17.92
CA SER B 182 9.50 1.38 18.91
C SER B 182 10.18 1.25 20.26
N GLY B 183 11.51 1.40 20.29
CA GLY B 183 12.28 1.16 21.50
C GLY B 183 12.41 -0.29 21.90
N LEU B 184 11.80 -1.22 21.17
CA LEU B 184 11.93 -2.64 21.45
C LEU B 184 13.21 -3.20 20.81
N SER B 185 13.75 -4.25 21.42
CA SER B 185 14.79 -5.01 20.74
C SER B 185 14.19 -5.69 19.51
N PHE B 186 15.06 -6.09 18.58
CA PHE B 186 14.55 -6.72 17.37
C PHE B 186 13.80 -8.00 17.70
N GLU B 187 14.34 -8.81 18.61
CA GLU B 187 13.66 -10.04 19.00
C GLU B 187 12.31 -9.77 19.65
N GLN B 188 12.23 -8.77 20.55
CA GLN B 188 10.95 -8.53 21.24
C GLN B 188 9.92 -7.95 20.28
N ALA B 189 10.35 -7.12 19.34
CA ALA B 189 9.42 -6.62 18.34
C ALA B 189 8.91 -7.77 17.48
N MET B 190 9.80 -8.63 17.02
CA MET B 190 9.33 -9.75 16.21
C MET B 190 8.41 -10.69 17.01
N GLN B 191 8.72 -10.93 18.27
CA GLN B 191 7.88 -11.83 19.06
C GLN B 191 6.50 -11.24 19.28
N THR B 192 6.43 -9.98 19.74
CA THR B 192 5.16 -9.40 20.16
C THR B 192 4.34 -8.92 18.97
N ARG B 193 4.98 -8.53 17.86
CA ARG B 193 4.26 -7.94 16.75
C ARG B 193 3.99 -8.90 15.60
N VAL B 194 4.73 -10.00 15.48
CA VAL B 194 4.53 -10.93 14.37
C VAL B 194 4.23 -12.35 14.86
N PHE B 195 5.15 -12.95 15.62
CA PHE B 195 4.99 -14.36 16.00
C PHE B 195 3.71 -14.57 16.81
N GLN B 196 3.50 -13.76 17.86
CA GLN B 196 2.37 -14.01 18.75
C GLN B 196 1.02 -13.73 18.10
N PRO B 197 0.81 -12.60 17.41
CA PRO B 197 -0.51 -12.41 16.77
C PRO B 197 -0.86 -13.51 15.77
N LEU B 198 0.14 -14.11 15.13
CA LEU B 198 -0.11 -15.20 14.19
C LEU B 198 -0.08 -16.58 14.87
N LYS B 199 0.13 -16.62 16.18
CA LYS B 199 0.13 -17.86 16.96
C LYS B 199 1.21 -18.82 16.47
N LEU B 200 2.38 -18.25 16.14
CA LEU B 200 3.57 -19.06 15.85
C LEU B 200 4.26 -19.32 17.17
N ASN B 201 3.74 -20.31 17.89
CA ASN B 201 4.17 -20.55 19.28
C ASN B 201 5.42 -21.43 19.40
N HIS B 202 6.01 -21.87 18.29
CA HIS B 202 7.24 -22.66 18.30
C HIS B 202 8.25 -22.09 17.31
N THR B 203 8.27 -20.78 17.18
CA THR B 203 9.15 -20.03 16.28
C THR B 203 10.00 -19.08 17.13
N TRP B 204 11.32 -19.13 16.94
CA TRP B 204 12.25 -18.42 17.82
C TRP B 204 13.42 -17.86 17.04
N ILE B 205 13.91 -16.70 17.48
CA ILE B 205 15.22 -16.22 17.05
C ILE B 205 16.33 -16.80 17.92
N ASN B 206 16.08 -16.90 19.22
CA ASN B 206 16.95 -17.59 20.17
C ASN B 206 16.13 -18.73 20.75
N VAL B 207 16.51 -19.98 20.42
CA VAL B 207 15.74 -21.15 20.86
C VAL B 207 15.88 -21.29 22.38
N PRO B 208 14.78 -21.30 23.14
CA PRO B 208 14.87 -21.41 24.60
C PRO B 208 15.19 -22.83 25.03
N PRO B 209 15.66 -23.03 26.28
CA PRO B 209 15.98 -24.40 26.75
C PRO B 209 14.86 -25.41 26.53
N ALA B 210 13.60 -25.04 26.82
CA ALA B 210 12.49 -25.97 26.68
C ALA B 210 12.37 -26.51 25.26
N GLU B 211 12.80 -25.76 24.25
CA GLU B 211 12.67 -26.22 22.88
C GLU B 211 13.92 -26.91 22.37
N GLU B 212 14.99 -26.97 23.18
CA GLU B 212 16.26 -27.51 22.68
C GLU B 212 16.12 -28.96 22.23
N LYS B 213 15.29 -29.75 22.93
CA LYS B 213 15.11 -31.15 22.56
C LYS B 213 14.45 -31.31 21.19
N ASN B 214 13.76 -30.28 20.71
CA ASN B 214 13.12 -30.29 19.40
C ASN B 214 13.92 -29.60 18.32
N TYR B 215 15.07 -29.02 18.67
CA TYR B 215 15.90 -28.28 17.71
C TYR B 215 16.72 -29.26 16.89
N ALA B 216 16.33 -29.46 15.64
CA ALA B 216 17.07 -30.35 14.76
C ALA B 216 18.53 -29.92 14.64
N TRP B 217 19.41 -30.90 14.46
CA TRP B 217 20.78 -30.61 14.04
C TRP B 217 20.83 -30.45 12.53
N GLY B 218 21.68 -29.51 12.06
CA GLY B 218 22.02 -29.48 10.66
C GLY B 218 23.19 -30.41 10.37
N TYR B 219 23.35 -30.81 9.12
CA TYR B 219 24.45 -31.71 8.78
C TYR B 219 25.24 -31.14 7.62
N ARG B 220 26.52 -30.88 7.86
CA ARG B 220 27.45 -30.42 6.85
C ARG B 220 28.64 -31.36 6.83
N GLU B 221 28.90 -31.97 5.67
CA GLU B 221 29.96 -32.98 5.52
C GLU B 221 29.87 -34.04 6.62
N GLY B 222 28.64 -34.48 6.91
CA GLY B 222 28.38 -35.49 7.90
C GLY B 222 28.38 -35.04 9.34
N LYS B 223 28.70 -33.78 9.62
CA LYS B 223 28.85 -33.29 10.99
C LYS B 223 27.64 -32.47 11.41
N ALA B 224 27.20 -32.66 12.65
CA ALA B 224 26.05 -31.94 13.18
C ALA B 224 26.46 -30.53 13.58
N VAL B 225 25.74 -29.53 13.06
CA VAL B 225 26.10 -28.13 13.21
C VAL B 225 24.83 -27.29 13.42
N HIS B 226 24.99 -26.20 14.17
CA HIS B 226 24.01 -25.15 14.30
C HIS B 226 24.62 -23.85 13.81
N VAL B 227 23.77 -22.91 13.38
CA VAL B 227 24.28 -21.66 12.83
C VAL B 227 25.08 -20.91 13.91
N SER B 228 26.20 -20.27 13.48
CA SER B 228 27.07 -19.53 14.40
C SER B 228 26.58 -18.10 14.60
N PRO B 229 26.85 -17.51 15.77
CA PRO B 229 26.49 -16.09 15.98
C PRO B 229 27.24 -15.18 15.03
N GLY B 230 26.60 -14.06 14.70
CA GLY B 230 27.20 -13.12 13.77
C GLY B 230 26.45 -11.79 13.82
N ALA B 231 27.09 -10.77 13.29
CA ALA B 231 26.48 -9.44 13.28
C ALA B 231 25.21 -9.46 12.45
N LEU B 232 24.13 -8.90 13.01
CA LEU B 232 22.84 -8.79 12.32
C LEU B 232 22.30 -10.15 11.92
N ASP B 233 22.64 -11.18 12.70
CA ASP B 233 22.17 -12.53 12.37
C ASP B 233 20.67 -12.65 12.58
N ALA B 234 20.16 -12.14 13.72
CA ALA B 234 18.72 -12.19 13.96
C ALA B 234 17.94 -11.57 12.79
N GLU B 235 18.44 -10.46 12.25
CA GLU B 235 17.71 -9.70 11.26
C GLU B 235 17.79 -10.31 9.86
N ALA B 236 18.87 -11.01 9.55
CA ALA B 236 19.12 -11.50 8.19
C ALA B 236 18.93 -12.99 8.00
N TYR B 237 19.12 -13.78 9.05
CA TYR B 237 19.03 -15.23 8.90
C TYR B 237 18.79 -15.93 10.23
N GLY B 238 18.08 -15.28 11.15
CA GLY B 238 18.04 -15.70 12.53
C GLY B 238 16.89 -16.57 13.01
N VAL B 239 15.91 -16.90 12.17
CA VAL B 239 14.68 -17.53 12.66
C VAL B 239 14.78 -19.05 12.53
N LYS B 240 14.29 -19.75 13.56
CA LYS B 240 14.11 -21.21 13.58
C LYS B 240 12.63 -21.50 13.81
N SER B 241 12.08 -22.50 13.09
CA SER B 241 10.65 -22.70 13.16
C SER B 241 10.29 -24.13 12.80
N THR B 242 9.05 -24.52 13.11
CA THR B 242 8.50 -25.83 12.83
C THR B 242 7.68 -25.80 11.55
N ILE B 243 7.39 -27.00 11.03
CA ILE B 243 6.64 -27.06 9.77
C ILE B 243 5.21 -26.58 9.99
N GLU B 244 4.67 -26.73 11.21
CA GLU B 244 3.31 -26.25 11.48
C GLU B 244 3.28 -24.72 11.53
N ASP B 245 4.23 -24.11 12.22
CA ASP B 245 4.29 -22.66 12.27
C ASP B 245 4.56 -22.07 10.87
N MET B 246 5.44 -22.71 10.10
CA MET B 246 5.66 -22.24 8.73
C MET B 246 4.43 -22.39 7.85
N ALA B 247 3.64 -23.44 8.04
CA ALA B 247 2.37 -23.52 7.33
C ALA B 247 1.46 -22.36 7.70
N ARG B 248 1.43 -21.99 8.98
CA ARG B 248 0.62 -20.83 9.40
C ARG B 248 1.15 -19.54 8.79
N TRP B 249 2.48 -19.40 8.73
CA TRP B 249 3.12 -18.26 8.05
C TRP B 249 2.69 -18.15 6.58
N VAL B 250 2.62 -19.29 5.89
CA VAL B 250 2.16 -19.26 4.50
C VAL B 250 0.68 -18.86 4.44
N GLN B 251 -0.15 -19.43 5.34
CA GLN B 251 -1.57 -19.10 5.33
C GLN B 251 -1.77 -17.61 5.54
N SER B 252 -1.00 -17.02 6.48
CA SER B 252 -1.11 -15.59 6.77
C SER B 252 -0.69 -14.74 5.57
N ASN B 253 0.35 -15.17 4.86
CA ASN B 253 0.79 -14.38 3.71
C ASN B 253 -0.11 -14.58 2.49
N LEU B 254 -0.78 -15.74 2.40
CA LEU B 254 -1.78 -15.99 1.36
C LEU B 254 -3.00 -15.10 1.52
N LYS B 255 -3.46 -14.91 2.75
CA LYS B 255 -4.72 -14.22 3.04
C LYS B 255 -4.53 -13.24 4.19
N PRO B 256 -3.81 -12.14 3.95
CA PRO B 256 -3.57 -11.18 5.03
C PRO B 256 -4.85 -10.53 5.57
N LEU B 257 -5.93 -10.52 4.80
CA LEU B 257 -7.18 -9.93 5.27
C LEU B 257 -7.79 -10.71 6.43
N ASP B 258 -7.48 -12.00 6.56
CA ASP B 258 -7.96 -12.75 7.71
C ASP B 258 -7.25 -12.38 9.01
N ILE B 259 -6.22 -11.56 8.95
CA ILE B 259 -5.47 -11.15 10.15
C ILE B 259 -6.23 -10.03 10.85
N ASN B 260 -6.41 -10.18 12.17
CA ASN B 260 -7.22 -9.21 12.90
C ASN B 260 -6.45 -7.95 13.28
N GLU B 261 -5.13 -8.06 13.49
CA GLU B 261 -4.33 -6.89 13.86
C GLU B 261 -4.07 -6.05 12.61
N LYS B 262 -4.57 -4.81 12.62
CA LYS B 262 -4.65 -4.02 11.40
C LYS B 262 -3.25 -3.72 10.84
N THR B 263 -2.32 -3.31 11.71
CA THR B 263 -1.01 -2.95 11.18
C THR B 263 -0.25 -4.17 10.67
N LEU B 264 -0.49 -5.35 11.24
CA LEU B 264 0.20 -6.54 10.73
C LEU B 264 -0.36 -6.97 9.38
N GLN B 265 -1.69 -6.92 9.26
CA GLN B 265 -2.34 -7.11 7.97
C GLN B 265 -1.73 -6.20 6.91
N GLN B 266 -1.63 -4.90 7.22
N GLN B 266 -1.64 -4.91 7.21
CA GLN B 266 -1.06 -3.96 6.27
CA GLN B 266 -1.06 -3.97 6.25
C GLN B 266 0.42 -4.26 6.00
C GLN B 266 0.41 -4.27 6.00
N GLY B 267 1.15 -4.68 7.03
CA GLY B 267 2.57 -4.96 6.85
C GLY B 267 2.83 -6.13 5.93
N ILE B 268 2.01 -7.18 6.04
CA ILE B 268 2.12 -8.31 5.11
C ILE B 268 1.84 -7.85 3.68
N GLN B 269 0.78 -7.03 3.52
CA GLN B 269 0.48 -6.48 2.20
C GLN B 269 1.63 -5.64 1.64
N LEU B 270 2.28 -4.84 2.49
CA LEU B 270 3.39 -4.00 2.02
C LEU B 270 4.61 -4.83 1.67
N ALA B 271 4.81 -5.95 2.37
CA ALA B 271 5.96 -6.78 2.04
C ALA B 271 5.80 -7.48 0.70
N GLN B 272 4.56 -7.63 0.21
CA GLN B 272 4.36 -8.18 -1.13
C GLN B 272 4.16 -7.13 -2.21
N SER B 273 4.33 -5.84 -1.89
CA SER B 273 4.33 -4.82 -2.91
C SER B 273 5.55 -4.98 -3.82
N ARG B 274 5.41 -4.52 -5.07
CA ARG B 274 6.48 -4.65 -6.07
C ARG B 274 7.21 -3.31 -6.18
N TYR B 275 8.43 -3.25 -5.66
CA TYR B 275 9.20 -2.01 -5.59
C TYR B 275 10.22 -1.85 -6.72
N TRP B 276 10.76 -2.96 -7.21
CA TRP B 276 11.78 -2.98 -8.25
C TRP B 276 11.51 -4.17 -9.15
N GLN B 277 11.90 -4.04 -10.43
CA GLN B 277 11.83 -5.13 -11.37
C GLN B 277 13.22 -5.39 -11.96
N THR B 278 13.60 -6.67 -12.02
CA THR B 278 14.76 -7.13 -12.79
C THR B 278 14.34 -8.37 -13.56
N GLY B 279 14.46 -8.32 -14.88
CA GLY B 279 13.99 -9.44 -15.69
C GLY B 279 12.51 -9.67 -15.44
N ASP B 280 12.14 -10.92 -15.14
CA ASP B 280 10.75 -11.22 -14.84
C ASP B 280 10.48 -11.26 -13.33
N MET B 281 11.39 -10.75 -12.51
CA MET B 281 11.27 -10.83 -11.06
C MET B 281 11.02 -9.45 -10.45
N TYR B 282 10.24 -9.43 -9.37
CA TYR B 282 9.93 -8.20 -8.65
C TYR B 282 10.39 -8.36 -7.21
N GLN B 283 11.00 -7.32 -6.67
CA GLN B 283 11.52 -7.34 -5.32
C GLN B 283 10.53 -6.72 -4.33
N GLY B 284 10.14 -7.51 -3.33
CA GLY B 284 9.34 -7.02 -2.21
C GLY B 284 10.19 -6.73 -1.00
N LEU B 285 9.57 -6.78 0.18
CA LEU B 285 10.33 -6.64 1.43
C LEU B 285 10.56 -8.08 1.91
N GLY B 286 11.75 -8.60 1.64
CA GLY B 286 11.97 -10.01 1.95
C GLY B 286 11.45 -10.96 0.88
N TRP B 287 10.16 -10.94 0.61
CA TRP B 287 9.59 -11.78 -0.45
C TRP B 287 10.08 -11.33 -1.82
N GLU B 288 10.17 -12.30 -2.74
CA GLU B 288 10.36 -12.01 -4.15
C GLU B 288 9.17 -12.57 -4.94
N MET B 289 8.80 -11.89 -6.03
CA MET B 289 7.56 -12.21 -6.74
C MET B 289 7.76 -12.27 -8.25
N LEU B 290 6.97 -13.13 -8.88
CA LEU B 290 6.84 -13.16 -10.34
C LEU B 290 5.36 -13.24 -10.69
N ASP B 291 5.01 -12.77 -11.88
CA ASP B 291 3.64 -12.94 -12.34
C ASP B 291 3.30 -14.41 -12.57
N TRP B 292 2.09 -14.81 -12.12
CA TRP B 292 1.57 -16.15 -12.38
C TRP B 292 0.71 -16.15 -13.64
N PRO B 293 0.86 -17.12 -14.56
CA PRO B 293 1.77 -18.28 -14.52
C PRO B 293 3.22 -17.90 -14.80
N VAL B 294 4.16 -18.70 -14.30
CA VAL B 294 5.58 -18.47 -14.48
C VAL B 294 6.15 -19.52 -15.42
N ASN B 295 7.28 -19.18 -16.06
CA ASN B 295 8.10 -20.19 -16.69
C ASN B 295 8.91 -20.91 -15.61
N PRO B 296 8.73 -22.21 -15.44
CA PRO B 296 9.51 -22.91 -14.39
C PRO B 296 11.00 -22.79 -14.59
N ASP B 297 11.49 -22.90 -15.83
CA ASP B 297 12.92 -22.80 -16.04
C ASP B 297 13.48 -21.48 -15.53
N SER B 298 12.68 -20.42 -15.57
CA SER B 298 13.15 -19.11 -15.12
C SER B 298 13.39 -19.08 -13.61
N ILE B 299 12.43 -19.59 -12.82
CA ILE B 299 12.66 -19.57 -11.37
C ILE B 299 13.64 -20.67 -10.94
N ILE B 300 13.66 -21.81 -11.64
CA ILE B 300 14.61 -22.87 -11.30
C ILE B 300 16.04 -22.41 -11.58
N ASN B 301 16.31 -22.03 -12.84
CA ASN B 301 17.65 -21.55 -13.19
C ASN B 301 17.99 -20.26 -12.45
N GLY B 302 17.02 -19.37 -12.25
CA GLY B 302 17.30 -18.12 -11.56
C GLY B 302 17.57 -18.25 -10.09
N SER B 303 17.29 -19.43 -9.51
CA SER B 303 17.57 -19.65 -8.10
C SER B 303 18.99 -20.12 -7.85
N ASP B 304 19.70 -20.53 -8.90
CA ASP B 304 21.13 -20.82 -8.77
C ASP B 304 21.87 -19.60 -8.26
N ASN B 305 22.74 -19.80 -7.27
CA ASN B 305 23.42 -18.66 -6.67
C ASN B 305 24.29 -17.90 -7.67
N LYS B 306 24.70 -18.53 -8.78
CA LYS B 306 25.43 -17.78 -9.79
C LYS B 306 24.61 -16.60 -10.30
N ILE B 307 23.29 -16.74 -10.35
CA ILE B 307 22.39 -15.68 -10.77
C ILE B 307 21.87 -14.88 -9.57
N ALA B 308 21.36 -15.61 -8.57
CA ALA B 308 20.65 -14.98 -7.47
C ALA B 308 21.57 -14.08 -6.63
N LEU B 309 22.89 -14.33 -6.64
CA LEU B 309 23.81 -13.50 -5.86
C LEU B 309 24.53 -12.45 -6.70
N ALA B 310 24.21 -12.35 -7.98
CA ALA B 310 24.90 -11.42 -8.87
C ALA B 310 24.16 -10.10 -8.96
N ALA B 311 24.91 -9.03 -9.19
CA ALA B 311 24.27 -7.73 -9.36
C ALA B 311 23.42 -7.70 -10.61
N ARG B 312 22.27 -7.02 -10.52
CA ARG B 312 21.40 -6.88 -11.69
C ARG B 312 20.82 -5.47 -11.68
N PRO B 313 20.72 -4.82 -12.84
CA PRO B 313 20.08 -3.50 -12.89
C PRO B 313 18.59 -3.58 -12.61
N VAL B 314 18.08 -2.60 -11.85
CA VAL B 314 16.66 -2.58 -11.49
C VAL B 314 15.99 -1.39 -12.14
N LYS B 315 14.72 -1.57 -12.51
CA LYS B 315 13.81 -0.49 -12.84
C LYS B 315 12.93 -0.20 -11.64
N ALA B 316 12.88 1.07 -11.23
CA ALA B 316 11.96 1.46 -10.17
C ALA B 316 10.53 1.33 -10.65
N ILE B 317 9.68 0.81 -9.79
CA ILE B 317 8.25 0.74 -10.04
C ILE B 317 7.67 1.91 -9.26
N THR B 318 7.34 2.99 -9.97
CA THR B 318 7.02 4.29 -9.38
C THR B 318 5.55 4.62 -9.64
N PRO B 319 4.65 4.49 -8.66
CA PRO B 319 4.85 3.99 -7.30
C PRO B 319 4.78 2.46 -7.26
N PRO B 320 5.17 1.85 -6.13
CA PRO B 320 5.13 0.38 -6.04
C PRO B 320 3.73 -0.19 -6.29
N THR B 321 3.70 -1.34 -6.96
CA THR B 321 2.41 -2.00 -7.25
C THR B 321 1.92 -2.75 -6.00
N PRO B 322 0.67 -2.55 -5.58
CA PRO B 322 0.17 -3.33 -4.44
C PRO B 322 0.20 -4.81 -4.73
N ALA B 323 0.25 -5.61 -3.67
CA ALA B 323 0.34 -7.07 -3.79
C ALA B 323 -0.56 -7.64 -4.88
N VAL B 324 0.04 -8.30 -5.87
CA VAL B 324 -0.71 -8.91 -6.96
C VAL B 324 -1.11 -10.33 -6.57
N ARG B 325 -2.41 -10.61 -6.58
CA ARG B 325 -2.88 -11.94 -6.19
C ARG B 325 -2.35 -13.01 -7.15
N ALA B 326 -2.32 -12.73 -8.45
CA ALA B 326 -1.84 -13.71 -9.43
C ALA B 326 -0.31 -13.64 -9.51
N SER B 327 0.33 -14.08 -8.44
CA SER B 327 1.78 -14.08 -8.31
C SER B 327 2.28 -15.42 -7.80
N TRP B 328 3.50 -15.76 -8.19
CA TRP B 328 4.33 -16.74 -7.51
C TRP B 328 5.21 -15.97 -6.54
N VAL B 329 5.00 -16.15 -5.24
CA VAL B 329 5.74 -15.44 -4.20
C VAL B 329 6.62 -16.45 -3.50
N HIS B 330 7.93 -16.15 -3.36
CA HIS B 330 8.82 -17.20 -2.86
C HIS B 330 10.06 -16.60 -2.22
N LYS B 331 10.79 -17.49 -1.53
CA LYS B 331 12.10 -17.22 -0.91
C LYS B 331 12.82 -18.53 -0.61
N THR B 332 14.09 -18.59 -1.01
CA THR B 332 15.02 -19.65 -0.63
C THR B 332 15.77 -19.24 0.64
N GLY B 333 16.24 -20.23 1.39
CA GLY B 333 17.07 -19.95 2.55
C GLY B 333 18.06 -21.07 2.80
N ALA B 334 19.20 -20.72 3.37
CA ALA B 334 20.15 -21.76 3.73
C ALA B 334 20.96 -21.33 4.94
N THR B 335 21.41 -22.31 5.70
CA THR B 335 22.52 -22.12 6.63
C THR B 335 23.51 -23.24 6.37
N GLY B 336 24.62 -23.22 7.11
CA GLY B 336 25.65 -24.24 6.91
C GLY B 336 25.09 -25.64 6.85
N GLY B 337 24.08 -25.93 7.66
CA GLY B 337 23.57 -27.28 7.70
C GLY B 337 22.11 -27.40 7.34
N PHE B 338 21.50 -26.35 6.77
CA PHE B 338 20.05 -26.40 6.53
C PHE B 338 19.73 -25.79 5.17
N GLY B 339 18.65 -26.29 4.56
CA GLY B 339 18.11 -25.67 3.37
C GLY B 339 16.60 -25.59 3.42
N SER B 340 16.06 -24.45 3.01
CA SER B 340 14.63 -24.20 3.16
C SER B 340 14.10 -23.49 1.92
N TYR B 341 12.81 -23.66 1.70
CA TYR B 341 12.15 -22.98 0.58
C TYR B 341 10.69 -22.75 0.92
N VAL B 342 10.17 -21.59 0.50
CA VAL B 342 8.74 -21.29 0.68
C VAL B 342 8.23 -20.68 -0.62
N ALA B 343 7.09 -21.17 -1.11
CA ALA B 343 6.48 -20.58 -2.31
C ALA B 343 4.96 -20.64 -2.19
N PHE B 344 4.27 -19.60 -2.66
CA PHE B 344 2.80 -19.64 -2.61
C PHE B 344 2.20 -18.74 -3.69
N ILE B 345 0.95 -19.04 -4.03
CA ILE B 345 0.22 -18.33 -5.08
C ILE B 345 -1.09 -17.83 -4.47
N PRO B 346 -1.20 -16.54 -4.11
CA PRO B 346 -2.40 -16.09 -3.37
C PRO B 346 -3.72 -16.35 -4.09
N GLU B 347 -3.78 -16.13 -5.41
CA GLU B 347 -5.08 -16.26 -6.07
C GLU B 347 -5.58 -17.70 -6.11
N LYS B 348 -4.71 -18.70 -5.90
CA LYS B 348 -5.10 -20.10 -5.89
C LYS B 348 -5.17 -20.68 -4.49
N GLU B 349 -4.87 -19.89 -3.45
CA GLU B 349 -4.89 -20.36 -2.06
C GLU B 349 -3.99 -21.57 -1.88
N LEU B 350 -2.81 -21.52 -2.49
CA LEU B 350 -1.95 -22.69 -2.66
C LEU B 350 -0.53 -22.34 -2.24
N GLY B 351 0.12 -23.21 -1.49
CA GLY B 351 1.50 -22.92 -1.13
C GLY B 351 2.23 -24.15 -0.66
N ILE B 352 3.55 -24.01 -0.48
CA ILE B 352 4.40 -25.11 -0.03
C ILE B 352 5.51 -24.56 0.84
N VAL B 353 5.88 -25.33 1.87
CA VAL B 353 7.06 -25.10 2.70
C VAL B 353 7.89 -26.38 2.70
N MET B 354 9.20 -26.24 2.48
CA MET B 354 10.14 -27.35 2.41
C MET B 354 11.31 -27.06 3.35
N LEU B 355 11.43 -27.83 4.43
CA LEU B 355 12.46 -27.64 5.44
C LEU B 355 13.33 -28.87 5.52
N ALA B 356 14.64 -28.71 5.37
CA ALA B 356 15.59 -29.81 5.38
C ALA B 356 16.81 -29.46 6.23
N ASN B 357 17.36 -30.48 6.90
CA ASN B 357 18.57 -30.28 7.70
C ASN B 357 19.82 -30.71 6.95
N LYS B 358 19.90 -30.33 5.68
CA LYS B 358 21.10 -30.31 4.86
C LYS B 358 20.93 -29.19 3.84
N ASN B 359 22.02 -28.49 3.54
CA ASN B 359 22.00 -27.40 2.57
C ASN B 359 22.27 -27.99 1.18
N TYR B 360 21.22 -28.19 0.42
CA TYR B 360 21.31 -28.73 -0.93
C TYR B 360 20.93 -27.68 -1.98
N PRO B 361 21.30 -27.88 -3.24
CA PRO B 361 21.22 -26.77 -4.22
C PRO B 361 19.81 -26.19 -4.39
N ASN B 362 19.75 -24.86 -4.47
CA ASN B 362 18.48 -24.15 -4.70
C ASN B 362 17.67 -24.69 -5.87
N PRO B 363 18.25 -24.92 -7.07
CA PRO B 363 17.40 -25.36 -8.19
C PRO B 363 16.67 -26.66 -7.93
N ALA B 364 17.25 -27.57 -7.14
CA ALA B 364 16.54 -28.81 -6.82
C ALA B 364 15.29 -28.52 -5.97
N ARG B 365 15.40 -27.60 -5.01
CA ARG B 365 14.23 -27.22 -4.20
C ARG B 365 13.15 -26.63 -5.08
N VAL B 366 13.53 -25.65 -5.93
CA VAL B 366 12.51 -24.94 -6.69
C VAL B 366 11.86 -25.87 -7.70
N ASP B 367 12.65 -26.77 -8.30
CA ASP B 367 12.09 -27.74 -9.24
C ASP B 367 11.05 -28.62 -8.55
N ALA B 368 11.37 -29.14 -7.36
CA ALA B 368 10.40 -29.98 -6.66
C ALA B 368 9.14 -29.18 -6.30
N ALA B 369 9.32 -27.97 -5.79
CA ALA B 369 8.16 -27.15 -5.44
C ALA B 369 7.29 -26.89 -6.66
N TRP B 370 7.92 -26.63 -7.81
CA TRP B 370 7.15 -26.40 -9.03
C TRP B 370 6.36 -27.65 -9.43
N GLN B 371 6.98 -28.83 -9.37
CA GLN B 371 6.24 -30.03 -9.74
C GLN B 371 4.99 -30.17 -8.89
N ILE B 372 5.12 -29.92 -7.58
CA ILE B 372 3.99 -30.12 -6.67
C ILE B 372 2.90 -29.07 -6.93
N LEU B 373 3.28 -27.79 -6.91
CA LEU B 373 2.25 -26.77 -7.02
C LEU B 373 1.63 -26.75 -8.41
N ASN B 374 2.39 -27.10 -9.45
CA ASN B 374 1.80 -27.13 -10.77
C ASN B 374 0.84 -28.31 -10.91
N ALA B 375 1.10 -29.42 -10.22
CA ALA B 375 0.13 -30.51 -10.25
C ALA B 375 -1.17 -30.13 -9.55
N LEU B 376 -1.10 -29.27 -8.53
CA LEU B 376 -2.29 -29.00 -7.72
C LEU B 376 -3.05 -27.74 -8.12
N GLN B 377 -2.45 -26.84 -8.89
CA GLN B 377 -3.13 -25.59 -9.25
C GLN B 377 -4.29 -25.85 -10.20
C12 A1AUT C . -12.85 23.44 -9.39
C13 A1AUT C . -13.08 23.34 -8.01
C15 A1AUT C . -12.21 23.97 -7.14
C17 A1AUT C . -11.14 24.71 -7.62
C19 A1AUT C . -11.78 24.18 -9.87
O20 A1AUT C . -13.84 21.16 -10.49
C23 A1AUT C . -17.37 25.68 -12.39
C01 A1AUT C . -17.02 30.67 -11.38
C02 A1AUT C . -16.81 29.15 -11.29
C04 A1AUT C . -16.96 26.87 -11.73
C05 A1AUT C . -16.11 26.80 -10.64
C07 A1AUT C . -15.64 25.57 -10.19
C08 A1AUT C . -16.04 24.39 -10.84
C18 A1AUT C . -10.92 24.82 -8.98
C21 A1AUT C . -16.91 24.46 -11.93
N03 A1AUT C . -17.38 28.20 -12.12
N09 A1AUT C . -15.58 23.10 -10.37
O11 A1AUT C . -13.53 22.88 -11.97
O14 A1AUT C . -14.18 22.60 -7.52
S06 A1AUT C . -15.85 28.36 -10.15
S10 A1AUT C . -13.95 22.63 -10.59
CL16 A1AUT C . -12.45 23.86 -5.37
CL22 A1AUT C . -17.41 22.93 -12.72
C12 A1AUT D . 22.20 -16.64 2.76
C13 A1AUT D . 21.14 -17.44 2.31
C15 A1AUT D . 21.02 -17.69 0.93
C17 A1AUT D . 21.95 -17.17 0.04
C19 A1AUT D . 23.14 -16.13 1.87
O20 A1AUT D . 21.33 -15.41 5.01
C23 A1AUT D . 25.52 -19.79 6.24
C01 A1AUT D . 27.88 -22.56 2.66
C02 A1AUT D . 26.89 -21.63 3.37
C04 A1AUT D . 25.80 -20.36 4.98
C05 A1AUT D . 24.99 -20.06 3.89
C07 A1AUT D . 23.89 -19.20 4.05
C08 A1AUT D . 23.62 -18.64 5.29
C18 A1AUT D . 23.01 -16.39 0.51
C21 A1AUT D . 24.43 -18.93 6.38
N03 A1AUT D . 26.91 -21.27 4.70
N09 A1AUT D . 22.47 -17.75 5.45
O11 A1AUT D . 23.60 -15.50 4.80
O14 A1AUT D . 20.23 -17.94 3.26
S06 A1AUT D . 25.60 -20.90 2.59
S10 A1AUT D . 22.39 -16.30 4.53
CL16 A1AUT D . 19.67 -18.68 0.27
CL22 A1AUT D . 24.04 -18.18 7.97
#